data_8TM7
#
_entry.id   8TM7
#
_cell.length_a   60.560
_cell.length_b   106.864
_cell.length_c   83.222
_cell.angle_alpha   90.00
_cell.angle_beta   96.71
_cell.angle_gamma   90.00
#
_symmetry.space_group_name_H-M   'P 1 21 1'
#
loop_
_entity.id
_entity.type
_entity.pdbx_description
1 polymer 'Nicotinamide phosphoribosyltransferase'
2 non-polymer GLYCEROL
3 non-polymer NICOTINAMIDE
4 non-polymer N-{2-[(4R)-2,2-dimethyl-4-(propan-2-yl)oxan-4-yl]ethyl}-N-[(4-methoxyphenyl)methyl]furan-2-carboxamide
5 non-polymer 'CHLORIDE ION'
6 non-polymer 'PHOSPHATE ION'
7 water water
#
_entity_poly.entity_id   1
_entity_poly.type   'polypeptide(L)'
_entity_poly.pdbx_seq_one_letter_code
;MNPAAEAEFNILLATDSYKVTHYKQYPPNTSKVYSYFECREKKTENSKLRKVKYEETVFYGLQYILNKYLKGKVVTKEKI
QEAKDVYKEHFQDDVFNEKGWNYILEKYDGHLPIEIKAVPEGFVIPRGNVLFTVENTDPECYWLTNWIETILVQSWYPIT
VATNSREQKKILAKYLLETSGNLDGLEYKLHDFGYRGVSSQETAGIGASAHLVNFKGTDTVAGLALIKKYYGTKDPVPGY
SVPAAEHSTITAWGKDHEKDAFEHIVTQFSSVPVSVVSDSYDIYNACEKIWGEDLRHLIVSRSTQAPLIIRPDSGNPLDT
VLKVLEILGKKFPVTENSKGYKLLPPYLRVIQGDGVDINTLQEIVEGMKQKMWSIENIAFGSGGGLLQKLTRDLLNCSFK
CSYVVTNGLGINVFKDPVADPNKRSKKGRLSLHRTPAGNFVTLEEGKGDLEEYGQDLLHTVFKNGKVTKSYSFDEIRKNA
QLNIELEAAHHLEHHHHHH
;
_entity_poly.pdbx_strand_id   A,B
#
# COMPACT_ATOMS: atom_id res chain seq x y z
N PHE A 9 8.55 -13.95 11.87
CA PHE A 9 7.54 -12.95 12.31
C PHE A 9 7.35 -13.08 13.82
N ASN A 10 7.26 -11.96 14.53
CA ASN A 10 7.09 -11.92 16.00
C ASN A 10 5.87 -11.05 16.34
N ILE A 11 4.77 -11.67 16.75
CA ILE A 11 3.48 -10.97 17.03
C ILE A 11 3.66 -9.96 18.17
N LEU A 12 4.66 -10.17 19.05
CA LEU A 12 4.99 -9.23 20.15
C LEU A 12 5.57 -7.94 19.56
N LEU A 13 6.11 -7.99 18.34
CA LEU A 13 6.66 -6.79 17.63
C LEU A 13 5.74 -6.38 16.48
N ALA A 14 4.48 -6.86 16.42
CA ALA A 14 3.57 -6.54 15.30
C ALA A 14 2.35 -5.77 15.82
N THR A 15 2.57 -4.75 16.63
CA THR A 15 1.50 -3.86 17.14
C THR A 15 2.04 -2.43 17.08
N ASP A 16 1.13 -1.45 17.12
CA ASP A 16 1.45 -0.04 17.40
C ASP A 16 2.16 0.03 18.74
N SER A 17 3.29 0.74 18.80
CA SER A 17 4.15 0.87 20.01
C SER A 17 3.27 1.15 21.24
N TYR A 18 2.35 2.11 21.17
CA TYR A 18 1.58 2.53 22.36
C TYR A 18 0.80 1.36 22.96
N LYS A 19 0.42 0.35 22.19
CA LYS A 19 -0.39 -0.80 22.69
C LYS A 19 0.45 -1.60 23.69
N VAL A 20 1.77 -1.50 23.59
CA VAL A 20 2.70 -2.11 24.58
C VAL A 20 2.40 -1.58 25.98
N THR A 21 1.83 -0.37 26.12
CA THR A 21 1.65 0.31 27.43
C THR A 21 0.20 0.25 27.93
N HIS A 22 -0.71 -0.36 27.17
CA HIS A 22 -2.17 -0.27 27.46
C HIS A 22 -2.56 -1.16 28.65
N TYR A 23 -1.82 -2.24 28.92
CA TYR A 23 -2.18 -3.17 30.01
C TYR A 23 -2.18 -2.41 31.35
N LYS A 24 -1.42 -1.30 31.46
CA LYS A 24 -1.35 -0.47 32.70
C LYS A 24 -2.48 0.54 32.76
N GLN A 25 -3.28 0.68 31.69
CA GLN A 25 -4.18 1.84 31.52
C GLN A 25 -5.64 1.46 31.70
N TYR A 26 -5.99 0.20 31.46
CA TYR A 26 -7.39 -0.29 31.59
C TYR A 26 -7.81 -0.16 33.06
N PRO A 27 -9.10 -0.04 33.35
CA PRO A 27 -9.59 -0.03 34.72
C PRO A 27 -9.08 -1.25 35.48
N PRO A 28 -8.58 -1.12 36.72
CA PRO A 28 -8.30 -2.31 37.53
C PRO A 28 -9.53 -3.20 37.66
N ASN A 29 -9.32 -4.51 37.80
CA ASN A 29 -10.38 -5.54 37.98
C ASN A 29 -11.15 -5.75 36.68
N THR A 30 -10.51 -5.49 35.52
CA THR A 30 -11.09 -5.75 34.18
C THR A 30 -10.73 -7.16 33.75
N SER A 31 -11.73 -8.01 33.48
CA SER A 31 -11.58 -9.44 33.11
C SER A 31 -11.87 -9.67 31.62
N LYS A 32 -12.52 -8.71 30.94
CA LYS A 32 -12.93 -8.89 29.52
C LYS A 32 -12.85 -7.54 28.79
N VAL A 33 -12.24 -7.56 27.61
CA VAL A 33 -12.30 -6.43 26.64
C VAL A 33 -12.88 -7.04 25.36
N TYR A 34 -13.97 -6.46 24.87
CA TYR A 34 -14.71 -6.96 23.68
C TYR A 34 -14.76 -5.83 22.67
N SER A 35 -14.31 -6.12 21.46
CA SER A 35 -14.04 -5.09 20.43
C SER A 35 -14.65 -5.58 19.11
N TYR A 36 -14.99 -4.65 18.23
CA TYR A 36 -15.65 -5.00 16.95
C TYR A 36 -15.03 -4.15 15.84
N PHE A 37 -15.19 -4.64 14.62
CA PHE A 37 -14.77 -3.96 13.37
C PHE A 37 -15.99 -3.63 12.53
N GLU A 38 -16.09 -2.41 12.03
CA GLU A 38 -17.14 -2.03 11.07
C GLU A 38 -16.53 -1.13 9.99
N CYS A 39 -17.23 -0.98 8.88
CA CYS A 39 -16.98 0.07 7.86
C CYS A 39 -18.00 1.18 8.13
N ARG A 40 -17.62 2.17 8.94
CA ARG A 40 -18.56 3.17 9.53
C ARG A 40 -19.30 3.93 8.41
N GLU A 41 -20.59 4.24 8.62
CA GLU A 41 -21.39 5.06 7.67
C GLU A 41 -20.81 6.47 7.51
N TYR A 54 -20.16 4.00 -1.90
CA TYR A 54 -19.76 2.65 -1.39
C TYR A 54 -20.69 2.22 -0.26
N GLU A 55 -21.95 1.91 -0.59
CA GLU A 55 -23.02 1.68 0.43
C GLU A 55 -22.90 0.28 1.04
N GLU A 56 -22.20 -0.64 0.38
CA GLU A 56 -22.04 -2.03 0.86
C GLU A 56 -20.61 -2.48 0.61
N THR A 57 -20.07 -3.35 1.48
CA THR A 57 -18.65 -3.78 1.44
C THR A 57 -18.61 -5.30 1.32
N VAL A 58 -17.66 -5.81 0.55
CA VAL A 58 -17.33 -7.25 0.47
C VAL A 58 -16.42 -7.59 1.65
N PHE A 59 -16.85 -8.47 2.55
CA PHE A 59 -16.01 -8.89 3.68
C PHE A 59 -15.06 -9.97 3.18
N TYR A 60 -13.77 -9.65 3.05
CA TYR A 60 -12.76 -10.58 2.51
C TYR A 60 -11.40 -10.27 3.14
N GLY A 61 -10.68 -11.29 3.58
CA GLY A 61 -9.22 -11.23 3.85
C GLY A 61 -8.87 -11.68 5.25
N LEU A 62 -9.84 -11.78 6.15
CA LEU A 62 -9.55 -12.13 7.57
C LEU A 62 -8.88 -13.52 7.64
N GLN A 63 -9.33 -14.49 6.85
CA GLN A 63 -8.83 -15.89 6.91
C GLN A 63 -7.32 -15.91 6.59
N TYR A 64 -6.86 -15.07 5.67
CA TYR A 64 -5.40 -14.87 5.40
C TYR A 64 -4.67 -14.54 6.71
N ILE A 65 -5.13 -13.48 7.38
CA ILE A 65 -4.48 -12.94 8.61
C ILE A 65 -4.53 -13.99 9.72
N LEU A 66 -5.69 -14.62 9.95
CA LEU A 66 -5.82 -15.69 11.00
C LEU A 66 -4.74 -16.77 10.80
N ASN A 67 -4.59 -17.26 9.57
CA ASN A 67 -3.69 -18.40 9.28
C ASN A 67 -2.23 -17.94 9.30
N LYS A 68 -1.91 -16.81 8.66
CA LYS A 68 -0.51 -16.37 8.49
C LYS A 68 0.07 -15.93 9.84
N TYR A 69 -0.69 -15.23 10.67
CA TYR A 69 -0.16 -14.40 11.78
C TYR A 69 -0.68 -14.83 13.16
N LEU A 70 -1.91 -15.34 13.29
CA LEU A 70 -2.56 -15.44 14.62
C LEU A 70 -2.61 -16.87 15.15
N LYS A 71 -2.59 -17.90 14.29
CA LYS A 71 -2.90 -19.28 14.74
C LYS A 71 -1.65 -19.99 15.25
N GLY A 72 -1.86 -21.04 16.04
CA GLY A 72 -0.78 -21.93 16.52
C GLY A 72 0.05 -21.27 17.61
N LYS A 73 1.28 -21.76 17.80
CA LYS A 73 2.23 -21.24 18.82
C LYS A 73 2.89 -19.97 18.26
N VAL A 74 2.43 -18.79 18.69
CA VAL A 74 2.92 -17.48 18.16
C VAL A 74 3.82 -16.81 19.21
N VAL A 75 3.92 -17.40 20.40
CA VAL A 75 4.76 -16.92 21.52
C VAL A 75 5.81 -17.99 21.83
N THR A 76 7.07 -17.57 21.94
CA THR A 76 8.23 -18.39 22.40
C THR A 76 9.05 -17.57 23.39
N LYS A 77 9.87 -18.25 24.20
CA LYS A 77 10.82 -17.59 25.15
C LYS A 77 11.69 -16.58 24.39
N GLU A 78 12.15 -16.95 23.19
CA GLU A 78 13.06 -16.12 22.36
C GLU A 78 12.31 -14.87 21.89
N LYS A 79 11.05 -15.02 21.47
CA LYS A 79 10.23 -13.86 21.00
C LYS A 79 9.93 -12.92 22.17
N ILE A 80 9.69 -13.45 23.38
CA ILE A 80 9.48 -12.59 24.58
C ILE A 80 10.77 -11.80 24.85
N GLN A 81 11.93 -12.47 24.85
CA GLN A 81 13.23 -11.81 25.17
C GLN A 81 13.54 -10.74 24.11
N GLU A 82 13.34 -11.06 22.84
CA GLU A 82 13.59 -10.14 21.70
C GLU A 82 12.70 -8.90 21.86
N ALA A 83 11.40 -9.06 22.14
CA ALA A 83 10.47 -7.92 22.34
C ALA A 83 10.96 -7.06 23.52
N LYS A 84 11.27 -7.72 24.64
CA LYS A 84 11.74 -7.06 25.87
C LYS A 84 12.95 -6.17 25.51
N ASP A 85 13.90 -6.69 24.73
CA ASP A 85 15.17 -5.99 24.41
C ASP A 85 14.89 -4.79 23.50
N VAL A 86 14.02 -4.95 22.51
CA VAL A 86 13.68 -3.87 21.54
C VAL A 86 12.92 -2.76 22.30
N TYR A 87 11.92 -3.13 23.09
CA TYR A 87 11.04 -2.14 23.78
C TYR A 87 11.83 -1.36 24.83
N LYS A 88 12.79 -1.99 25.52
CA LYS A 88 13.67 -1.29 26.49
C LYS A 88 14.32 -0.09 25.79
N GLU A 89 14.85 -0.28 24.58
CA GLU A 89 15.54 0.79 23.82
C GLU A 89 14.52 1.74 23.20
N HIS A 90 13.43 1.20 22.63
CA HIS A 90 12.41 2.00 21.89
C HIS A 90 11.75 3.02 22.83
N PHE A 91 11.43 2.62 24.08
CA PHE A 91 10.77 3.48 25.10
C PHE A 91 11.78 4.07 26.09
N GLN A 92 13.02 3.57 26.09
CA GLN A 92 14.06 4.04 27.06
C GLN A 92 13.51 3.83 28.47
N ASP A 93 12.88 2.68 28.69
CA ASP A 93 12.07 2.36 29.90
C ASP A 93 11.59 0.92 29.77
N ASP A 94 11.40 0.26 30.91
CA ASP A 94 10.89 -1.13 31.03
C ASP A 94 9.37 -1.02 31.26
N VAL A 95 8.60 -1.04 30.17
CA VAL A 95 7.11 -1.01 30.24
C VAL A 95 6.54 -2.31 29.65
N PHE A 96 7.31 -3.07 28.88
CA PHE A 96 6.81 -4.29 28.22
C PHE A 96 6.23 -5.29 29.24
N ASN A 97 5.04 -5.85 28.94
CA ASN A 97 4.28 -6.82 29.77
C ASN A 97 4.87 -8.24 29.58
N GLU A 98 6.09 -8.45 30.06
CA GLU A 98 6.80 -9.75 29.97
C GLU A 98 5.98 -10.82 30.69
N LYS A 99 5.45 -10.47 31.86
CA LYS A 99 4.69 -11.40 32.73
C LYS A 99 3.44 -11.89 31.99
N GLY A 100 2.70 -10.97 31.36
CA GLY A 100 1.47 -11.30 30.63
C GLY A 100 1.72 -12.22 29.45
N TRP A 101 2.80 -11.96 28.71
CA TRP A 101 3.18 -12.77 27.51
C TRP A 101 3.73 -14.12 27.99
N ASN A 102 4.45 -14.14 29.11
CA ASN A 102 5.01 -15.42 29.63
C ASN A 102 3.85 -16.31 30.11
N TYR A 103 2.79 -15.71 30.66
CA TYR A 103 1.54 -16.42 31.10
C TYR A 103 0.93 -17.18 29.92
N ILE A 104 0.78 -16.54 28.76
CA ILE A 104 0.24 -17.17 27.51
C ILE A 104 1.16 -18.33 27.08
N LEU A 105 2.47 -18.14 27.12
CA LEU A 105 3.46 -19.17 26.75
C LEU A 105 3.27 -20.42 27.64
N GLU A 106 3.24 -20.23 28.96
CA GLU A 106 3.28 -21.35 29.94
C GLU A 106 1.90 -21.99 30.06
N LYS A 107 0.82 -21.20 30.01
CA LYS A 107 -0.56 -21.70 30.24
C LYS A 107 -1.11 -22.36 28.97
N TYR A 108 -0.85 -21.80 27.79
CA TYR A 108 -1.53 -22.18 26.53
C TYR A 108 -0.55 -22.59 25.43
N ASP A 109 0.69 -22.92 25.79
CA ASP A 109 1.76 -23.28 24.81
C ASP A 109 1.84 -22.22 23.71
N GLY A 110 1.69 -20.94 24.09
CA GLY A 110 1.84 -19.77 23.20
C GLY A 110 0.70 -19.58 22.21
N HIS A 111 -0.46 -20.22 22.42
CA HIS A 111 -1.70 -20.06 21.60
C HIS A 111 -2.49 -18.88 22.17
N LEU A 112 -2.98 -17.97 21.33
CA LEU A 112 -3.67 -16.76 21.83
C LEU A 112 -5.03 -17.11 22.42
N PRO A 113 -5.30 -16.80 23.70
CA PRO A 113 -6.64 -16.98 24.28
C PRO A 113 -7.63 -15.88 23.84
N ILE A 114 -8.05 -15.96 22.58
CA ILE A 114 -8.88 -14.97 21.84
C ILE A 114 -9.98 -15.72 21.10
N GLU A 115 -11.18 -15.16 21.07
CA GLU A 115 -12.28 -15.67 20.22
C GLU A 115 -12.66 -14.58 19.22
N ILE A 116 -12.65 -14.92 17.94
CA ILE A 116 -13.07 -13.99 16.85
C ILE A 116 -14.29 -14.60 16.18
N LYS A 117 -15.35 -13.81 16.06
CA LYS A 117 -16.58 -14.20 15.34
C LYS A 117 -16.72 -13.26 14.16
N ALA A 118 -17.03 -13.79 12.98
CA ALA A 118 -16.98 -13.02 11.72
C ALA A 118 -18.15 -13.42 10.83
N VAL A 119 -18.66 -12.45 10.07
CA VAL A 119 -19.58 -12.69 8.94
C VAL A 119 -18.82 -13.53 7.90
N PRO A 120 -19.48 -14.47 7.19
CA PRO A 120 -18.76 -15.30 6.21
C PRO A 120 -18.08 -14.47 5.12
N GLU A 121 -16.90 -14.91 4.71
CA GLU A 121 -16.09 -14.20 3.68
C GLU A 121 -16.88 -14.21 2.37
N GLY A 122 -16.84 -13.09 1.67
CA GLY A 122 -17.58 -12.86 0.41
C GLY A 122 -18.91 -12.17 0.68
N PHE A 123 -19.41 -12.21 1.92
CA PHE A 123 -20.72 -11.57 2.26
C PHE A 123 -20.62 -10.09 1.93
N VAL A 124 -21.67 -9.58 1.30
CA VAL A 124 -21.81 -8.15 0.91
C VAL A 124 -22.73 -7.48 1.94
N ILE A 125 -22.18 -6.59 2.74
CA ILE A 125 -22.88 -6.08 3.96
C ILE A 125 -22.96 -4.57 3.86
N PRO A 126 -24.13 -3.95 4.12
CA PRO A 126 -24.20 -2.49 4.16
C PRO A 126 -23.26 -1.87 5.21
N ARG A 127 -22.80 -0.66 4.94
CA ARG A 127 -22.02 0.19 5.86
C ARG A 127 -22.67 0.24 7.25
N GLY A 128 -21.84 0.30 8.28
CA GLY A 128 -22.28 0.57 9.67
C GLY A 128 -22.75 -0.68 10.37
N ASN A 129 -22.27 -1.84 9.92
CA ASN A 129 -22.65 -3.15 10.49
C ASN A 129 -21.42 -3.83 11.06
N VAL A 130 -21.57 -4.50 12.19
CA VAL A 130 -20.48 -5.35 12.73
C VAL A 130 -20.12 -6.39 11.67
N LEU A 131 -18.83 -6.52 11.36
CA LEU A 131 -18.26 -7.54 10.44
C LEU A 131 -17.49 -8.62 11.23
N PHE A 132 -16.76 -8.25 12.28
CA PHE A 132 -16.19 -9.25 13.20
C PHE A 132 -16.05 -8.63 14.59
N THR A 133 -16.00 -9.50 15.60
CA THR A 133 -15.80 -9.17 17.02
C THR A 133 -14.62 -9.99 17.54
N VAL A 134 -13.97 -9.44 18.57
CA VAL A 134 -12.76 -10.00 19.21
C VAL A 134 -12.94 -9.86 20.71
N GLU A 135 -12.63 -10.90 21.45
CA GLU A 135 -12.64 -10.85 22.93
C GLU A 135 -11.63 -11.88 23.45
N ASN A 136 -11.13 -11.64 24.66
CA ASN A 136 -10.21 -12.55 25.37
C ASN A 136 -11.04 -13.67 26.01
N THR A 137 -10.51 -14.90 26.03
CA THR A 137 -11.20 -16.07 26.63
C THR A 137 -10.64 -16.39 28.01
N ASP A 138 -9.55 -15.72 28.41
CA ASP A 138 -8.94 -15.84 29.76
C ASP A 138 -8.92 -14.45 30.39
N PRO A 139 -9.45 -14.28 31.62
CA PRO A 139 -9.48 -12.97 32.27
C PRO A 139 -8.11 -12.29 32.41
N GLU A 140 -7.03 -13.06 32.51
CA GLU A 140 -5.65 -12.51 32.62
C GLU A 140 -5.28 -11.73 31.34
N CYS A 141 -5.88 -12.08 30.22
CA CYS A 141 -5.48 -11.54 28.88
C CYS A 141 -6.49 -10.51 28.38
N TYR A 142 -7.06 -9.70 29.28
CA TYR A 142 -7.97 -8.57 28.96
C TYR A 142 -7.27 -7.64 27.97
N TRP A 143 -5.95 -7.49 28.10
CA TRP A 143 -5.08 -6.58 27.30
C TRP A 143 -4.87 -7.10 25.87
N LEU A 144 -5.13 -8.38 25.62
CA LEU A 144 -4.72 -9.05 24.35
C LEU A 144 -5.70 -8.69 23.23
N THR A 145 -6.96 -8.42 23.56
CA THR A 145 -8.01 -8.11 22.55
C THR A 145 -7.52 -6.99 21.65
N ASN A 146 -7.01 -5.91 22.24
CA ASN A 146 -6.66 -4.68 21.47
C ASN A 146 -5.19 -4.68 21.06
N TRP A 147 -4.35 -5.54 21.65
CA TRP A 147 -2.98 -5.79 21.14
C TRP A 147 -3.06 -6.10 19.64
N ILE A 148 -4.01 -6.96 19.23
CA ILE A 148 -4.06 -7.52 17.85
C ILE A 148 -4.96 -6.64 16.98
N GLU A 149 -5.42 -5.49 17.47
CA GLU A 149 -6.15 -4.49 16.64
C GLU A 149 -5.36 -4.19 15.38
N THR A 150 -4.08 -3.82 15.53
CA THR A 150 -3.24 -3.31 14.41
C THR A 150 -3.22 -4.35 13.28
N ILE A 151 -2.98 -5.62 13.61
CA ILE A 151 -2.91 -6.75 12.65
C ILE A 151 -4.28 -6.93 11.99
N LEU A 152 -5.35 -6.94 12.78
CA LEU A 152 -6.71 -7.26 12.29
C LEU A 152 -7.23 -6.10 11.44
N VAL A 153 -6.91 -4.85 11.79
CA VAL A 153 -7.46 -3.65 11.09
C VAL A 153 -6.88 -3.57 9.67
N GLN A 154 -5.75 -4.21 9.40
CA GLN A 154 -5.17 -4.33 8.03
C GLN A 154 -6.10 -5.11 7.10
N SER A 155 -7.11 -5.81 7.64
CA SER A 155 -8.22 -6.38 6.82
C SER A 155 -8.91 -5.27 6.01
N TRP A 156 -8.75 -3.99 6.38
CA TRP A 156 -9.33 -2.86 5.59
C TRP A 156 -8.94 -3.02 4.12
N TYR A 157 -7.72 -3.49 3.87
CA TYR A 157 -7.13 -3.41 2.52
C TYR A 157 -7.80 -4.43 1.61
N PRO A 158 -7.80 -5.76 1.89
CA PRO A 158 -8.57 -6.67 1.04
C PRO A 158 -10.07 -6.34 0.98
N ILE A 159 -10.68 -5.85 2.06
CA ILE A 159 -12.12 -5.47 2.00
C ILE A 159 -12.28 -4.35 0.97
N THR A 160 -11.42 -3.33 1.02
CA THR A 160 -11.55 -2.12 0.17
C THR A 160 -11.22 -2.49 -1.28
N VAL A 161 -10.18 -3.29 -1.54
CA VAL A 161 -9.86 -3.70 -2.93
C VAL A 161 -11.07 -4.49 -3.48
N ALA A 162 -11.61 -5.43 -2.70
CA ALA A 162 -12.69 -6.34 -3.16
C ALA A 162 -13.93 -5.50 -3.44
N THR A 163 -14.19 -4.53 -2.56
CA THR A 163 -15.37 -3.65 -2.65
C THR A 163 -15.26 -2.71 -3.87
N ASN A 164 -14.13 -2.05 -4.01
CA ASN A 164 -13.88 -1.12 -5.15
C ASN A 164 -13.91 -1.89 -6.48
N SER A 165 -13.34 -3.10 -6.53
CA SER A 165 -13.35 -3.94 -7.75
C SER A 165 -14.80 -4.33 -8.10
N ARG A 166 -15.61 -4.66 -7.09
CA ARG A 166 -17.02 -5.06 -7.28
C ARG A 166 -17.83 -3.87 -7.80
N GLU A 167 -17.56 -2.67 -7.28
CA GLU A 167 -18.27 -1.44 -7.73
C GLU A 167 -17.96 -1.20 -9.20
N GLN A 168 -16.72 -1.47 -9.65
CA GLN A 168 -16.35 -1.33 -11.09
C GLN A 168 -17.05 -2.41 -11.91
N LYS A 169 -17.16 -3.63 -11.36
CA LYS A 169 -17.96 -4.71 -12.00
C LYS A 169 -19.41 -4.25 -12.19
N LYS A 170 -20.00 -3.54 -11.23
CA LYS A 170 -21.42 -3.04 -11.33
C LYS A 170 -21.55 -2.08 -12.51
N ILE A 171 -20.61 -1.15 -12.68
CA ILE A 171 -20.58 -0.17 -13.81
C ILE A 171 -20.45 -0.95 -15.11
N LEU A 172 -19.50 -1.89 -15.19
CA LEU A 172 -19.24 -2.65 -16.44
C LEU A 172 -20.48 -3.47 -16.77
N ALA A 173 -21.11 -4.08 -15.78
CA ALA A 173 -22.29 -4.98 -15.98
C ALA A 173 -23.43 -4.14 -16.55
N LYS A 174 -23.67 -2.97 -15.99
CA LYS A 174 -24.76 -2.07 -16.42
C LYS A 174 -24.60 -1.74 -17.91
N TYR A 175 -23.43 -1.26 -18.33
CA TYR A 175 -23.17 -0.77 -19.70
C TYR A 175 -23.06 -1.93 -20.70
N LEU A 176 -22.51 -3.08 -20.30
CA LEU A 176 -22.43 -4.28 -21.18
C LEU A 176 -23.86 -4.78 -21.44
N LEU A 177 -24.70 -4.82 -20.41
CA LEU A 177 -26.09 -5.33 -20.55
C LEU A 177 -26.86 -4.37 -21.48
N GLU A 178 -26.70 -3.07 -21.29
CA GLU A 178 -27.41 -2.05 -22.08
C GLU A 178 -26.95 -2.10 -23.55
N THR A 179 -25.64 -2.24 -23.80
CA THR A 179 -25.09 -2.10 -25.19
C THR A 179 -25.03 -3.45 -25.90
N SER A 180 -25.14 -4.59 -25.21
CA SER A 180 -25.02 -5.94 -25.85
C SER A 180 -26.24 -6.82 -25.58
N GLY A 181 -26.96 -6.62 -24.48
CA GLY A 181 -28.13 -7.43 -24.09
C GLY A 181 -27.74 -8.65 -23.27
N ASN A 182 -26.47 -8.76 -22.86
CA ASN A 182 -26.00 -9.89 -22.00
C ASN A 182 -24.72 -9.47 -21.25
N LEU A 183 -24.18 -10.38 -20.43
CA LEU A 183 -22.99 -10.12 -19.59
C LEU A 183 -21.80 -10.99 -20.03
N ASP A 184 -21.83 -11.56 -21.24
CA ASP A 184 -20.74 -12.44 -21.72
C ASP A 184 -19.43 -11.66 -21.68
N GLY A 185 -18.39 -12.25 -21.10
CA GLY A 185 -17.04 -11.67 -21.02
C GLY A 185 -16.86 -10.64 -19.89
N LEU A 186 -17.90 -10.39 -19.07
CA LEU A 186 -17.84 -9.41 -17.95
C LEU A 186 -16.63 -9.73 -17.05
N GLU A 187 -16.38 -11.01 -16.77
CA GLU A 187 -15.36 -11.46 -15.77
C GLU A 187 -13.94 -11.23 -16.30
N TYR A 188 -13.76 -10.77 -17.54
CA TYR A 188 -12.43 -10.48 -18.13
C TYR A 188 -12.33 -8.99 -18.49
N LYS A 189 -13.26 -8.15 -18.03
CA LYS A 189 -13.29 -6.75 -18.50
C LYS A 189 -12.46 -5.81 -17.62
N LEU A 190 -11.97 -6.24 -16.45
CA LEU A 190 -11.10 -5.40 -15.60
C LEU A 190 -9.89 -6.24 -15.17
N HIS A 191 -8.76 -6.00 -15.82
CA HIS A 191 -7.52 -6.77 -15.63
C HIS A 191 -6.60 -6.04 -14.64
N ASP A 192 -6.05 -6.80 -13.70
CA ASP A 192 -5.10 -6.33 -12.67
C ASP A 192 -3.72 -6.13 -13.32
N PHE A 193 -3.34 -4.87 -13.44
CA PHE A 193 -2.02 -4.38 -13.94
C PHE A 193 -1.16 -3.86 -12.77
N GLY A 194 -1.55 -4.09 -11.50
CA GLY A 194 -1.07 -3.32 -10.34
C GLY A 194 0.20 -3.84 -9.68
N TYR A 195 0.83 -4.90 -10.15
CA TYR A 195 1.95 -5.53 -9.39
C TYR A 195 3.07 -4.49 -9.10
N ARG A 196 3.52 -3.76 -10.13
CA ARG A 196 4.65 -2.81 -9.96
C ARG A 196 4.23 -1.58 -9.13
N GLY A 197 2.92 -1.28 -9.10
CA GLY A 197 2.38 -0.02 -8.55
C GLY A 197 1.93 -0.13 -7.11
N VAL A 198 2.10 -1.29 -6.46
CA VAL A 198 1.78 -1.45 -5.02
C VAL A 198 3.08 -1.31 -4.19
N SER A 199 2.91 -1.23 -2.88
CA SER A 199 3.98 -0.85 -1.92
C SER A 199 4.88 -2.04 -1.57
N SER A 200 4.46 -3.28 -1.80
CA SER A 200 5.27 -4.48 -1.42
C SER A 200 4.80 -5.74 -2.14
N GLN A 201 5.63 -6.77 -2.07
CA GLN A 201 5.29 -8.13 -2.55
C GLN A 201 4.06 -8.64 -1.77
N GLU A 202 4.00 -8.44 -0.45
CA GLU A 202 2.88 -9.00 0.34
C GLU A 202 1.58 -8.30 -0.07
N THR A 203 1.62 -6.97 -0.20
CA THR A 203 0.46 -6.18 -0.66
C THR A 203 -0.01 -6.69 -2.02
N ALA A 204 0.92 -6.95 -2.96
CA ALA A 204 0.59 -7.46 -4.31
C ALA A 204 -0.30 -8.70 -4.18
N GLY A 205 0.13 -9.70 -3.42
CA GLY A 205 -0.64 -10.96 -3.26
C GLY A 205 -2.02 -10.71 -2.67
N ILE A 206 -2.11 -9.93 -1.59
CA ILE A 206 -3.41 -9.70 -0.89
C ILE A 206 -4.34 -8.94 -1.84
N GLY A 207 -3.88 -7.81 -2.38
CA GLY A 207 -4.68 -6.99 -3.31
C GLY A 207 -5.13 -7.78 -4.53
N ALA A 208 -4.22 -8.52 -5.17
CA ALA A 208 -4.58 -9.26 -6.40
C ALA A 208 -5.65 -10.31 -6.06
N SER A 209 -5.54 -10.95 -4.91
CA SER A 209 -6.51 -11.99 -4.49
C SER A 209 -7.89 -11.36 -4.27
N ALA A 210 -7.93 -10.14 -3.72
CA ALA A 210 -9.18 -9.39 -3.45
C ALA A 210 -9.86 -9.02 -4.77
N HIS A 211 -9.10 -8.60 -5.78
CA HIS A 211 -9.65 -8.31 -7.13
C HIS A 211 -10.27 -9.59 -7.74
N LEU A 212 -9.61 -10.74 -7.57
CA LEU A 212 -10.08 -12.03 -8.17
C LEU A 212 -11.38 -12.50 -7.52
N VAL A 213 -11.81 -11.89 -6.43
CA VAL A 213 -13.17 -12.18 -5.88
C VAL A 213 -14.20 -11.85 -6.96
N ASN A 214 -13.92 -10.85 -7.81
CA ASN A 214 -14.91 -10.27 -8.75
C ASN A 214 -14.57 -10.63 -10.22
N PHE A 215 -13.31 -10.84 -10.56
CA PHE A 215 -12.85 -10.98 -11.96
C PHE A 215 -11.90 -12.16 -12.07
N LYS A 216 -11.57 -12.55 -13.31
CA LYS A 216 -10.72 -13.74 -13.57
C LYS A 216 -9.39 -13.34 -14.23
N GLY A 217 -9.20 -12.07 -14.57
CA GLY A 217 -8.03 -11.58 -15.33
C GLY A 217 -7.03 -10.85 -14.45
N THR A 218 -5.80 -11.33 -14.39
CA THR A 218 -4.72 -10.73 -13.56
C THR A 218 -3.35 -10.95 -14.18
N ASP A 219 -2.48 -9.94 -14.09
CA ASP A 219 -1.02 -10.08 -14.35
C ASP A 219 -0.30 -10.10 -13.01
N THR A 220 -1.00 -9.89 -11.90
CA THR A 220 -0.36 -9.89 -10.55
C THR A 220 -0.29 -11.34 -10.07
N VAL A 221 0.72 -12.08 -10.55
CA VAL A 221 0.93 -13.54 -10.32
C VAL A 221 0.87 -13.87 -8.82
N ALA A 222 1.34 -12.97 -7.96
CA ALA A 222 1.41 -13.14 -6.50
C ALA A 222 0.04 -13.54 -5.93
N GLY A 223 -1.07 -13.04 -6.49
CA GLY A 223 -2.41 -13.41 -6.01
C GLY A 223 -2.69 -14.92 -6.08
N LEU A 224 -2.17 -15.63 -7.08
CA LEU A 224 -2.48 -17.06 -7.35
C LEU A 224 -2.03 -17.91 -6.15
N ALA A 225 -0.78 -17.75 -5.70
CA ALA A 225 -0.18 -18.56 -4.61
C ALA A 225 -0.90 -18.26 -3.30
N LEU A 226 -1.28 -17.01 -3.06
CA LEU A 226 -2.01 -16.65 -1.82
C LEU A 226 -3.33 -17.44 -1.81
N ILE A 227 -4.07 -17.43 -2.91
CA ILE A 227 -5.41 -18.07 -2.94
C ILE A 227 -5.22 -19.58 -2.74
N LYS A 228 -4.24 -20.18 -3.40
CA LYS A 228 -3.96 -21.65 -3.31
C LYS A 228 -3.67 -22.03 -1.85
N LYS A 229 -2.83 -21.26 -1.15
CA LYS A 229 -2.32 -21.58 0.21
C LYS A 229 -3.40 -21.34 1.28
N TYR A 230 -4.25 -20.31 1.16
CA TYR A 230 -5.10 -19.81 2.29
C TYR A 230 -6.60 -20.03 2.03
N TYR A 231 -7.02 -20.20 0.79
CA TYR A 231 -8.47 -20.26 0.45
C TYR A 231 -8.79 -21.53 -0.36
N GLY A 232 -8.15 -21.72 -1.52
CA GLY A 232 -8.34 -22.89 -2.40
C GLY A 232 -9.43 -22.69 -3.43
N THR A 233 -9.24 -23.23 -4.64
CA THR A 233 -10.25 -23.30 -5.72
C THR A 233 -10.30 -24.73 -6.28
N LYS A 234 -11.49 -25.17 -6.70
CA LYS A 234 -11.72 -26.40 -7.50
C LYS A 234 -10.87 -26.33 -8.79
N ASP A 235 -10.87 -25.17 -9.47
CA ASP A 235 -10.07 -24.96 -10.70
C ASP A 235 -8.59 -24.91 -10.36
N PRO A 236 -7.69 -25.34 -11.28
CA PRO A 236 -6.25 -25.28 -11.04
C PRO A 236 -5.76 -23.90 -10.58
N VAL A 237 -6.25 -22.83 -11.22
CA VAL A 237 -5.90 -21.42 -10.86
C VAL A 237 -7.15 -20.54 -10.82
N PRO A 238 -7.16 -19.50 -9.95
CA PRO A 238 -8.27 -18.54 -9.89
C PRO A 238 -8.23 -17.42 -10.95
N GLY A 239 -7.09 -17.23 -11.61
CA GLY A 239 -6.86 -16.09 -12.50
C GLY A 239 -6.03 -16.43 -13.71
N TYR A 240 -6.24 -15.72 -14.81
CA TYR A 240 -5.72 -16.05 -16.15
C TYR A 240 -5.11 -14.80 -16.81
N SER A 241 -4.20 -15.02 -17.74
CA SER A 241 -3.68 -13.92 -18.57
C SER A 241 -3.44 -14.37 -20.01
N VAL A 242 -2.98 -13.41 -20.82
CA VAL A 242 -2.67 -13.57 -22.27
C VAL A 242 -1.28 -13.01 -22.52
N PRO A 243 -0.60 -13.51 -23.57
CA PRO A 243 0.61 -12.88 -24.05
C PRO A 243 0.33 -11.40 -24.40
N ALA A 244 1.26 -10.53 -24.06
CA ALA A 244 1.11 -9.07 -24.26
C ALA A 244 2.51 -8.47 -24.37
N ALA A 245 2.64 -7.46 -25.20
CA ALA A 245 3.87 -6.67 -25.40
C ALA A 245 3.97 -5.58 -24.33
N GLU A 246 5.18 -5.05 -24.12
CA GLU A 246 5.46 -3.84 -23.32
C GLU A 246 6.28 -2.92 -24.21
N HIS A 247 6.47 -1.66 -23.81
CA HIS A 247 7.27 -0.71 -24.63
C HIS A 247 8.65 -1.30 -24.92
N SER A 248 9.29 -2.02 -24.00
CA SER A 248 10.65 -2.57 -24.26
C SER A 248 10.63 -3.50 -25.48
N THR A 249 9.61 -4.35 -25.65
CA THR A 249 9.59 -5.39 -26.73
C THR A 249 9.24 -4.76 -28.07
N ILE A 250 8.62 -3.57 -28.09
CA ILE A 250 8.35 -2.80 -29.33
C ILE A 250 9.60 -1.93 -29.60
N THR A 251 10.00 -1.09 -28.64
CA THR A 251 11.02 -0.03 -28.88
C THR A 251 12.40 -0.66 -29.16
N ALA A 252 12.68 -1.87 -28.67
CA ALA A 252 13.97 -2.57 -28.88
C ALA A 252 14.23 -2.79 -30.38
N TRP A 253 13.19 -2.81 -31.22
CA TRP A 253 13.35 -3.01 -32.69
C TRP A 253 13.92 -1.75 -33.34
N GLY A 254 13.88 -0.61 -32.64
CA GLY A 254 14.23 0.71 -33.19
C GLY A 254 13.02 1.43 -33.74
N LYS A 255 13.08 2.76 -33.74
CA LYS A 255 11.93 3.65 -34.03
C LYS A 255 11.36 3.37 -35.42
N ASP A 256 12.23 3.12 -36.41
CA ASP A 256 11.78 2.90 -37.82
C ASP A 256 11.22 1.49 -38.03
N HIS A 257 11.28 0.60 -37.03
CA HIS A 257 10.93 -0.85 -37.20
C HIS A 257 9.74 -1.26 -36.33
N GLU A 258 8.86 -0.33 -35.97
CA GLU A 258 7.65 -0.66 -35.16
C GLU A 258 6.85 -1.74 -35.89
N LYS A 259 6.68 -1.60 -37.21
CA LYS A 259 5.87 -2.55 -38.02
C LYS A 259 6.50 -3.94 -37.89
N ASP A 260 7.83 -4.04 -37.94
CA ASP A 260 8.54 -5.34 -37.81
C ASP A 260 8.26 -5.94 -36.42
N ALA A 261 8.26 -5.11 -35.37
CA ALA A 261 7.94 -5.57 -34.01
C ALA A 261 6.52 -6.16 -33.98
N PHE A 262 5.53 -5.42 -34.46
CA PHE A 262 4.11 -5.85 -34.44
C PHE A 262 4.01 -7.19 -35.19
N GLU A 263 4.60 -7.24 -36.38
CA GLU A 263 4.51 -8.44 -37.26
C GLU A 263 5.07 -9.66 -36.52
N HIS A 264 6.28 -9.55 -35.97
CA HIS A 264 6.96 -10.64 -35.21
C HIS A 264 6.06 -11.10 -34.06
N ILE A 265 5.47 -10.16 -33.33
CA ILE A 265 4.75 -10.51 -32.06
C ILE A 265 3.44 -11.22 -32.41
N VAL A 266 2.66 -10.71 -33.35
CA VAL A 266 1.34 -11.34 -33.69
C VAL A 266 1.60 -12.68 -34.39
N THR A 267 2.77 -12.86 -35.03
CA THR A 267 3.12 -14.13 -35.71
C THR A 267 3.60 -15.15 -34.66
N GLN A 268 4.42 -14.72 -33.69
CA GLN A 268 4.81 -15.60 -32.54
C GLN A 268 3.57 -16.09 -31.80
N PHE A 269 2.52 -15.27 -31.69
CA PHE A 269 1.29 -15.59 -30.90
C PHE A 269 0.10 -15.62 -31.87
N SER A 270 0.21 -16.40 -32.96
CA SER A 270 -0.80 -16.46 -34.06
C SER A 270 -2.09 -17.16 -33.59
N SER A 271 -2.01 -18.07 -32.62
CA SER A 271 -3.10 -19.01 -32.26
C SER A 271 -3.72 -18.69 -30.90
N VAL A 272 -3.22 -17.67 -30.19
CA VAL A 272 -3.76 -17.28 -28.86
C VAL A 272 -4.08 -15.79 -28.92
N PRO A 273 -4.94 -15.27 -28.02
CA PRO A 273 -5.12 -13.84 -27.91
C PRO A 273 -3.76 -13.17 -27.64
N VAL A 274 -3.56 -11.98 -28.20
CA VAL A 274 -2.30 -11.23 -27.98
C VAL A 274 -2.65 -9.74 -27.92
N SER A 275 -2.18 -9.11 -26.86
CA SER A 275 -2.33 -7.67 -26.58
C SER A 275 -1.05 -6.99 -27.07
N VAL A 276 -1.16 -5.92 -27.86
CA VAL A 276 0.05 -5.22 -28.37
C VAL A 276 -0.09 -3.72 -28.12
N VAL A 277 0.76 -3.22 -27.21
CA VAL A 277 0.85 -1.79 -26.88
C VAL A 277 1.28 -1.03 -28.14
N SER A 278 0.52 -0.01 -28.55
CA SER A 278 0.57 0.55 -29.92
C SER A 278 0.89 2.04 -29.91
N ASP A 279 1.23 2.62 -28.75
CA ASP A 279 1.39 4.07 -28.52
C ASP A 279 2.86 4.44 -28.35
N SER A 280 3.83 3.57 -28.63
CA SER A 280 5.28 3.87 -28.44
C SER A 280 5.64 5.22 -29.08
N TYR A 281 5.10 5.51 -30.27
CA TYR A 281 5.46 6.73 -31.04
C TYR A 281 4.22 7.49 -31.48
N ASP A 282 3.23 6.80 -32.04
CA ASP A 282 2.00 7.44 -32.53
C ASP A 282 0.91 6.37 -32.62
N ILE A 283 0.09 6.28 -31.57
CA ILE A 283 -1.05 5.33 -31.47
C ILE A 283 -1.98 5.43 -32.69
N TYR A 284 -2.24 6.65 -33.17
CA TYR A 284 -3.24 6.87 -34.25
C TYR A 284 -2.66 6.36 -35.58
N ASN A 285 -1.38 6.62 -35.82
CA ASN A 285 -0.62 6.09 -36.98
C ASN A 285 -0.64 4.56 -36.92
N ALA A 286 -0.35 3.99 -35.75
CA ALA A 286 -0.22 2.52 -35.57
C ALA A 286 -1.57 1.86 -35.92
N CYS A 287 -2.67 2.44 -35.46
CA CYS A 287 -4.04 1.91 -35.70
C CYS A 287 -4.38 2.03 -37.19
N GLU A 288 -4.17 3.21 -37.78
CA GLU A 288 -4.70 3.51 -39.13
C GLU A 288 -3.78 2.92 -40.21
N LYS A 289 -2.46 3.02 -40.05
CA LYS A 289 -1.50 2.70 -41.13
C LYS A 289 -0.84 1.34 -40.91
N ILE A 290 -0.44 1.00 -39.68
CA ILE A 290 0.30 -0.27 -39.44
C ILE A 290 -0.72 -1.40 -39.32
N TRP A 291 -1.59 -1.37 -38.31
CA TRP A 291 -2.63 -2.41 -38.12
C TRP A 291 -3.64 -2.32 -39.27
N GLY A 292 -3.99 -1.09 -39.64
CA GLY A 292 -5.13 -0.79 -40.52
C GLY A 292 -4.82 -1.02 -42.00
N GLU A 293 -3.54 -1.07 -42.37
CA GLU A 293 -3.13 -1.21 -43.79
C GLU A 293 -2.00 -2.24 -43.88
N ASP A 294 -0.81 -1.89 -43.40
CA ASP A 294 0.43 -2.69 -43.66
C ASP A 294 0.25 -4.12 -43.15
N LEU A 295 -0.37 -4.33 -41.97
CA LEU A 295 -0.45 -5.65 -41.29
C LEU A 295 -1.90 -6.16 -41.22
N ARG A 296 -2.83 -5.47 -41.86
CA ARG A 296 -4.27 -5.85 -41.84
C ARG A 296 -4.46 -7.33 -42.22
N HIS A 297 -3.66 -7.86 -43.13
CA HIS A 297 -3.80 -9.27 -43.63
C HIS A 297 -3.51 -10.28 -42.51
N LEU A 298 -2.68 -9.91 -41.53
CA LEU A 298 -2.27 -10.78 -40.39
C LEU A 298 -3.33 -10.74 -39.27
N ILE A 299 -4.22 -9.75 -39.33
CA ILE A 299 -5.29 -9.49 -38.30
C ILE A 299 -6.60 -10.16 -38.75
N VAL A 300 -7.04 -9.88 -39.97
CA VAL A 300 -8.40 -10.34 -40.43
C VAL A 300 -8.41 -11.87 -40.57
N SER A 301 -7.24 -12.51 -40.57
CA SER A 301 -7.05 -13.99 -40.70
C SER A 301 -7.16 -14.69 -39.33
N ARG A 302 -7.19 -13.94 -38.21
CA ARG A 302 -7.06 -14.54 -36.86
C ARG A 302 -8.39 -15.15 -36.39
N SER A 303 -8.31 -16.16 -35.52
CA SER A 303 -9.46 -16.85 -34.88
C SER A 303 -10.24 -15.89 -33.96
N THR A 304 -11.54 -16.13 -33.79
CA THR A 304 -12.38 -15.51 -32.73
C THR A 304 -11.81 -15.83 -31.33
N GLN A 305 -11.13 -16.98 -31.17
CA GLN A 305 -10.51 -17.40 -29.88
C GLN A 305 -9.08 -16.83 -29.77
N ALA A 306 -8.61 -16.06 -30.75
CA ALA A 306 -7.22 -15.54 -30.78
C ALA A 306 -7.19 -14.12 -31.33
N PRO A 307 -8.02 -13.19 -30.82
CA PRO A 307 -8.02 -11.82 -31.33
C PRO A 307 -6.69 -11.09 -31.07
N LEU A 308 -6.38 -10.12 -31.92
CA LEU A 308 -5.48 -8.99 -31.58
C LEU A 308 -6.23 -8.05 -30.63
N ILE A 309 -5.60 -7.70 -29.51
CA ILE A 309 -6.12 -6.64 -28.61
C ILE A 309 -5.14 -5.46 -28.71
N ILE A 310 -5.59 -4.36 -29.31
CA ILE A 310 -4.77 -3.12 -29.45
C ILE A 310 -4.85 -2.40 -28.10
N ARG A 311 -3.69 -1.99 -27.59
CA ARG A 311 -3.58 -1.36 -26.26
C ARG A 311 -2.98 0.02 -26.41
N PRO A 312 -3.80 1.10 -26.38
CA PRO A 312 -3.29 2.44 -26.13
C PRO A 312 -2.81 2.53 -24.68
N ASP A 313 -1.94 3.48 -24.37
CA ASP A 313 -1.35 3.60 -23.00
C ASP A 313 -0.97 5.04 -22.69
N SER A 314 -1.61 6.03 -23.31
CA SER A 314 -1.27 7.46 -23.09
C SER A 314 -2.34 8.35 -23.68
N GLY A 315 -2.30 9.63 -23.30
CA GLY A 315 -3.29 10.65 -23.70
C GLY A 315 -4.49 10.59 -22.79
N ASN A 316 -5.47 11.43 -23.06
CA ASN A 316 -6.76 11.41 -22.33
C ASN A 316 -7.39 10.04 -22.53
N PRO A 317 -7.72 9.28 -21.45
CA PRO A 317 -8.24 7.92 -21.60
C PRO A 317 -9.53 7.82 -22.44
N LEU A 318 -10.53 8.68 -22.22
CA LEU A 318 -11.79 8.67 -23.02
C LEU A 318 -11.48 9.08 -24.46
N ASP A 319 -10.78 10.21 -24.65
CA ASP A 319 -10.56 10.77 -26.01
C ASP A 319 -9.80 9.75 -26.85
N THR A 320 -8.84 9.05 -26.24
CA THR A 320 -7.95 8.10 -26.95
C THR A 320 -8.76 6.85 -27.35
N VAL A 321 -9.50 6.27 -26.42
CA VAL A 321 -10.41 5.12 -26.74
C VAL A 321 -11.34 5.52 -27.90
N LEU A 322 -12.01 6.68 -27.82
CA LEU A 322 -13.02 7.04 -28.85
C LEU A 322 -12.33 7.16 -30.22
N LYS A 323 -11.16 7.79 -30.27
CA LYS A 323 -10.42 8.02 -31.55
C LYS A 323 -9.88 6.69 -32.09
N VAL A 324 -9.35 5.81 -31.23
CA VAL A 324 -8.88 4.46 -31.64
C VAL A 324 -10.06 3.69 -32.26
N LEU A 325 -11.23 3.70 -31.63
CA LEU A 325 -12.42 3.00 -32.16
C LEU A 325 -12.85 3.62 -33.51
N GLU A 326 -12.89 4.94 -33.62
CA GLU A 326 -13.24 5.65 -34.89
C GLU A 326 -12.28 5.18 -36.00
N ILE A 327 -10.98 5.15 -35.73
CA ILE A 327 -9.93 4.71 -36.71
C ILE A 327 -10.20 3.27 -37.12
N LEU A 328 -10.29 2.35 -36.15
CA LEU A 328 -10.46 0.90 -36.44
C LEU A 328 -11.78 0.69 -37.19
N GLY A 329 -12.83 1.46 -36.84
CA GLY A 329 -14.16 1.31 -37.47
C GLY A 329 -14.12 1.63 -38.94
N LYS A 330 -13.20 2.49 -39.38
CA LYS A 330 -13.04 2.91 -40.80
C LYS A 330 -12.10 1.95 -41.55
N LYS A 331 -11.28 1.15 -40.88
CA LYS A 331 -10.30 0.24 -41.56
C LYS A 331 -10.76 -1.21 -41.52
N PHE A 332 -11.74 -1.54 -40.67
CA PHE A 332 -12.18 -2.94 -40.40
C PHE A 332 -13.69 -3.01 -40.52
N PRO A 333 -14.27 -4.18 -40.86
CA PRO A 333 -15.72 -4.29 -41.02
C PRO A 333 -16.47 -4.32 -39.69
N VAL A 334 -17.20 -3.24 -39.40
CA VAL A 334 -18.02 -3.08 -38.19
C VAL A 334 -19.43 -3.60 -38.46
N THR A 335 -20.01 -4.30 -37.50
CA THR A 335 -21.44 -4.71 -37.53
C THR A 335 -22.20 -3.86 -36.52
N GLU A 336 -23.53 -3.89 -36.59
CA GLU A 336 -24.43 -3.28 -35.60
C GLU A 336 -25.14 -4.43 -34.90
N ASN A 337 -25.00 -4.54 -33.58
CA ASN A 337 -25.62 -5.64 -32.81
C ASN A 337 -27.12 -5.36 -32.64
N SER A 338 -27.84 -6.29 -32.02
CA SER A 338 -29.32 -6.27 -31.90
C SER A 338 -29.79 -5.07 -31.05
N LYS A 339 -28.88 -4.44 -30.32
CA LYS A 339 -29.21 -3.26 -29.47
C LYS A 339 -28.90 -1.97 -30.21
N GLY A 340 -28.31 -2.04 -31.42
CA GLY A 340 -28.02 -0.87 -32.26
C GLY A 340 -26.60 -0.36 -32.06
N TYR A 341 -25.74 -1.10 -31.36
CA TYR A 341 -24.36 -0.65 -31.04
C TYR A 341 -23.37 -1.30 -31.99
N LYS A 342 -22.31 -0.55 -32.30
CA LYS A 342 -21.23 -0.89 -33.25
C LYS A 342 -20.31 -1.90 -32.58
N LEU A 343 -19.94 -2.92 -33.34
CA LEU A 343 -19.12 -4.07 -32.88
C LEU A 343 -18.00 -4.32 -33.89
N LEU A 344 -16.75 -4.25 -33.42
CA LEU A 344 -15.57 -4.62 -34.25
C LEU A 344 -15.72 -6.09 -34.62
N PRO A 345 -15.04 -6.56 -35.69
CA PRO A 345 -14.98 -7.99 -35.98
C PRO A 345 -14.36 -8.77 -34.84
N PRO A 346 -14.72 -10.06 -34.67
CA PRO A 346 -14.33 -10.81 -33.49
C PRO A 346 -12.83 -11.02 -33.31
N TYR A 347 -12.02 -10.76 -34.34
CA TYR A 347 -10.56 -10.96 -34.29
C TYR A 347 -9.87 -9.68 -33.78
N LEU A 348 -10.64 -8.64 -33.43
CA LEU A 348 -10.07 -7.31 -33.07
C LEU A 348 -10.80 -6.69 -31.88
N ARG A 349 -10.04 -6.38 -30.83
CA ARG A 349 -10.55 -5.78 -29.58
C ARG A 349 -9.57 -4.71 -29.11
N VAL A 350 -9.98 -3.97 -28.08
CA VAL A 350 -9.15 -2.88 -27.49
C VAL A 350 -9.08 -3.08 -25.98
N ILE A 351 -7.93 -2.77 -25.37
CA ILE A 351 -7.79 -2.72 -23.88
C ILE A 351 -7.20 -1.35 -23.53
N GLN A 352 -7.89 -0.60 -22.69
CA GLN A 352 -7.40 0.69 -22.16
C GLN A 352 -6.77 0.36 -20.80
N GLY A 353 -5.44 0.48 -20.69
CA GLY A 353 -4.68 0.08 -19.50
C GLY A 353 -3.96 1.22 -18.81
N ASP A 354 -4.30 2.47 -19.15
CA ASP A 354 -3.64 3.69 -18.59
C ASP A 354 -4.73 4.61 -18.00
N GLY A 355 -4.48 5.12 -16.79
CA GLY A 355 -5.33 6.13 -16.12
C GLY A 355 -6.71 5.59 -15.76
N VAL A 356 -6.85 4.27 -15.58
CA VAL A 356 -8.17 3.65 -15.25
C VAL A 356 -8.31 3.58 -13.73
N ASP A 357 -9.37 4.22 -13.22
CA ASP A 357 -9.86 4.03 -11.84
C ASP A 357 -11.38 4.05 -11.92
N ILE A 358 -12.07 3.88 -10.79
CA ILE A 358 -13.55 3.72 -10.81
C ILE A 358 -14.20 4.92 -11.51
N ASN A 359 -13.64 6.14 -11.36
CA ASN A 359 -14.22 7.38 -11.92
C ASN A 359 -14.04 7.41 -13.44
N THR A 360 -12.84 7.14 -13.94
CA THR A 360 -12.52 7.25 -15.40
C THR A 360 -13.15 6.04 -16.11
N LEU A 361 -13.24 4.88 -15.46
CA LEU A 361 -13.91 3.70 -16.06
C LEU A 361 -15.35 4.09 -16.43
N GLN A 362 -16.05 4.72 -15.50
CA GLN A 362 -17.45 5.18 -15.70
C GLN A 362 -17.49 6.19 -16.86
N GLU A 363 -16.56 7.15 -16.88
CA GLU A 363 -16.51 8.19 -17.94
C GLU A 363 -16.33 7.51 -19.31
N ILE A 364 -15.50 6.47 -19.39
CA ILE A 364 -15.14 5.82 -20.69
C ILE A 364 -16.36 5.04 -21.20
N VAL A 365 -16.99 4.21 -20.37
CA VAL A 365 -18.14 3.36 -20.86
C VAL A 365 -19.30 4.30 -21.21
N GLU A 366 -19.51 5.40 -20.46
CA GLU A 366 -20.58 6.38 -20.79
C GLU A 366 -20.26 7.05 -22.13
N GLY A 367 -19.00 7.42 -22.35
CA GLY A 367 -18.56 8.07 -23.60
C GLY A 367 -18.73 7.14 -24.79
N MET A 368 -18.41 5.85 -24.62
CA MET A 368 -18.60 4.82 -25.66
C MET A 368 -20.08 4.67 -25.99
N LYS A 369 -20.94 4.57 -24.98
CA LYS A 369 -22.40 4.40 -25.18
C LYS A 369 -22.92 5.61 -25.97
N GLN A 370 -22.48 6.82 -25.65
CA GLN A 370 -23.01 8.03 -26.33
C GLN A 370 -22.56 8.02 -27.80
N LYS A 371 -21.41 7.41 -28.10
CA LYS A 371 -20.89 7.31 -29.50
C LYS A 371 -21.32 5.98 -30.15
N MET A 372 -22.24 5.23 -29.53
CA MET A 372 -22.90 4.01 -30.08
C MET A 372 -21.89 2.87 -30.29
N TRP A 373 -20.87 2.78 -29.44
CA TRP A 373 -19.91 1.63 -29.38
C TRP A 373 -20.33 0.66 -28.29
N SER A 374 -20.40 -0.63 -28.61
CA SER A 374 -20.71 -1.67 -27.61
C SER A 374 -19.53 -1.78 -26.63
N ILE A 375 -19.84 -2.05 -25.36
CA ILE A 375 -18.80 -2.35 -24.33
C ILE A 375 -18.18 -3.72 -24.65
N GLU A 376 -18.79 -4.53 -25.54
CA GLU A 376 -18.18 -5.79 -26.04
C GLU A 376 -16.78 -5.50 -26.61
N ASN A 377 -16.56 -4.31 -27.15
CA ASN A 377 -15.33 -3.94 -27.91
C ASN A 377 -14.11 -3.74 -27.00
N ILE A 378 -14.33 -3.55 -25.70
CA ILE A 378 -13.27 -3.01 -24.81
C ILE A 378 -13.13 -3.84 -23.54
N ALA A 379 -11.91 -3.86 -23.01
CA ALA A 379 -11.57 -4.28 -21.65
C ALA A 379 -10.70 -3.18 -21.04
N PHE A 380 -10.54 -3.21 -19.73
CA PHE A 380 -9.75 -2.21 -18.98
C PHE A 380 -8.65 -2.94 -18.24
N GLY A 381 -7.48 -2.32 -18.19
CA GLY A 381 -6.41 -2.68 -17.27
C GLY A 381 -6.25 -1.59 -16.25
N SER A 382 -6.12 -1.94 -14.97
CA SER A 382 -5.98 -0.94 -13.89
C SER A 382 -4.88 -1.42 -12.94
N GLY A 383 -3.96 -0.53 -12.59
CA GLY A 383 -2.83 -0.88 -11.70
C GLY A 383 -2.94 -0.15 -10.38
N GLY A 384 -2.33 1.03 -10.29
CA GLY A 384 -2.42 1.89 -9.09
C GLY A 384 -3.87 2.17 -8.68
N GLY A 385 -4.74 2.46 -9.65
CA GLY A 385 -6.17 2.73 -9.39
C GLY A 385 -6.85 1.56 -8.68
N LEU A 386 -6.48 0.34 -9.04
CA LEU A 386 -7.13 -0.90 -8.55
C LEU A 386 -6.55 -1.32 -7.19
N LEU A 387 -5.23 -1.26 -7.00
CA LEU A 387 -4.58 -1.90 -5.83
C LEU A 387 -3.90 -0.91 -4.89
N GLN A 388 -3.63 0.33 -5.29
CA GLN A 388 -2.78 1.20 -4.46
C GLN A 388 -3.51 2.49 -4.06
N LYS A 389 -4.32 3.06 -4.95
CA LYS A 389 -4.97 4.37 -4.67
C LYS A 389 -6.22 4.16 -3.81
N LEU A 390 -6.03 3.61 -2.61
CA LEU A 390 -7.10 3.26 -1.64
C LEU A 390 -6.54 3.50 -0.24
N THR A 391 -7.38 3.93 0.70
CA THR A 391 -6.99 4.14 2.11
C THR A 391 -8.07 3.56 3.02
N ARG A 392 -7.72 3.41 4.29
CA ARG A 392 -8.63 2.91 5.35
C ARG A 392 -9.81 3.88 5.51
N ASP A 393 -9.65 5.13 5.09
CA ASP A 393 -10.70 6.20 5.22
C ASP A 393 -11.81 6.04 4.17
N LEU A 394 -11.59 5.29 3.09
CA LEU A 394 -12.56 5.20 1.98
C LEU A 394 -13.87 4.57 2.48
N LEU A 395 -13.81 3.48 3.25
CA LEU A 395 -15.00 2.81 3.86
C LEU A 395 -15.04 3.06 5.37
N ASN A 396 -14.16 3.92 5.89
CA ASN A 396 -14.04 4.23 7.34
C ASN A 396 -13.94 2.93 8.15
N CYS A 397 -13.02 2.04 7.78
CA CYS A 397 -12.76 0.76 8.47
C CYS A 397 -12.15 1.05 9.84
N SER A 398 -12.73 0.49 10.91
CA SER A 398 -12.48 0.98 12.29
C SER A 398 -12.78 -0.12 13.31
N PHE A 399 -11.92 -0.21 14.31
CA PHE A 399 -11.94 -1.24 15.36
C PHE A 399 -12.06 -0.52 16.70
N LYS A 400 -13.11 -0.81 17.47
CA LYS A 400 -13.37 -0.12 18.76
C LYS A 400 -13.84 -1.13 19.82
N CYS A 401 -13.47 -0.86 21.06
CA CYS A 401 -14.02 -1.54 22.25
C CYS A 401 -15.48 -1.13 22.47
N SER A 402 -16.40 -2.11 22.56
CA SER A 402 -17.85 -1.85 22.81
C SER A 402 -18.31 -2.41 24.17
N TYR A 403 -17.53 -3.26 24.83
CA TYR A 403 -17.99 -3.95 26.06
C TYR A 403 -16.78 -4.36 26.89
N VAL A 404 -16.84 -4.11 28.19
CA VAL A 404 -15.82 -4.62 29.15
C VAL A 404 -16.56 -5.24 30.33
N VAL A 405 -15.92 -6.16 31.02
CA VAL A 405 -16.38 -6.66 32.34
C VAL A 405 -15.35 -6.17 33.37
N THR A 406 -15.81 -5.39 34.35
CA THR A 406 -14.97 -4.82 35.43
C THR A 406 -15.69 -5.14 36.76
N ASN A 407 -14.97 -5.74 37.71
CA ASN A 407 -15.54 -6.17 39.02
C ASN A 407 -16.74 -7.09 38.77
N GLY A 408 -16.65 -7.93 37.75
CA GLY A 408 -17.67 -8.95 37.39
C GLY A 408 -18.93 -8.36 36.76
N LEU A 409 -18.97 -7.05 36.47
CA LEU A 409 -20.15 -6.37 35.89
C LEU A 409 -19.84 -5.93 34.46
N GLY A 410 -20.68 -6.31 33.50
CA GLY A 410 -20.56 -5.88 32.10
C GLY A 410 -20.95 -4.42 31.96
N ILE A 411 -20.16 -3.65 31.21
CA ILE A 411 -20.35 -2.20 30.94
C ILE A 411 -20.37 -2.01 29.42
N ASN A 412 -21.36 -1.29 28.92
CA ASN A 412 -21.42 -0.85 27.50
C ASN A 412 -20.46 0.33 27.37
N VAL A 413 -19.53 0.25 26.43
CA VAL A 413 -18.39 1.18 26.24
C VAL A 413 -18.49 1.77 24.83
N PHE A 414 -18.10 3.02 24.66
CA PHE A 414 -18.21 3.72 23.35
C PHE A 414 -17.48 5.06 23.44
N LYS A 415 -17.16 5.58 22.24
CA LYS A 415 -16.72 6.98 22.03
C LYS A 415 -17.85 7.74 21.33
N ASP A 416 -17.87 9.07 21.52
CA ASP A 416 -18.90 9.97 20.96
C ASP A 416 -18.34 11.39 20.94
N PRO A 417 -17.32 11.65 20.10
CA PRO A 417 -16.62 12.93 20.10
C PRO A 417 -17.59 14.05 19.73
N VAL A 418 -17.54 15.15 20.48
CA VAL A 418 -18.48 16.31 20.34
C VAL A 418 -18.44 16.83 18.89
N ALA A 419 -17.26 16.92 18.26
CA ALA A 419 -17.09 17.61 16.95
C ALA A 419 -17.25 16.65 15.78
N ASP A 420 -17.56 15.36 15.99
CA ASP A 420 -17.76 14.44 14.84
C ASP A 420 -18.65 13.27 15.24
N PRO A 421 -19.99 13.41 15.10
CA PRO A 421 -20.92 12.30 15.31
C PRO A 421 -20.66 11.07 14.42
N ASN A 422 -19.98 11.23 13.28
CA ASN A 422 -19.63 10.11 12.36
C ASN A 422 -18.69 9.13 13.06
N LYS A 423 -17.99 9.56 14.12
CA LYS A 423 -17.01 8.70 14.86
C LYS A 423 -17.63 8.10 16.12
N ARG A 424 -18.93 8.27 16.33
CA ARG A 424 -19.66 7.56 17.43
C ARG A 424 -19.58 6.05 17.18
N SER A 425 -19.25 5.29 18.22
CA SER A 425 -19.08 3.83 18.12
C SER A 425 -20.27 3.13 18.81
N LYS A 426 -20.49 1.86 18.49
CA LYS A 426 -21.62 1.03 18.95
C LYS A 426 -21.39 0.63 20.42
N LYS A 427 -22.47 0.31 21.13
CA LYS A 427 -22.45 0.02 22.59
C LYS A 427 -22.73 -1.47 22.84
N GLY A 428 -21.89 -2.11 23.65
CA GLY A 428 -22.18 -3.42 24.23
C GLY A 428 -21.86 -4.58 23.31
N ARG A 429 -22.40 -5.75 23.67
CA ARG A 429 -22.26 -7.01 22.90
C ARG A 429 -23.12 -6.89 21.64
N LEU A 430 -22.55 -7.25 20.48
CA LEU A 430 -23.13 -6.98 19.15
C LEU A 430 -23.47 -8.31 18.49
N SER A 431 -24.44 -8.28 17.59
CA SER A 431 -24.79 -9.44 16.74
C SER A 431 -25.35 -8.90 15.42
N LEU A 432 -25.17 -9.65 14.35
CA LEU A 432 -25.60 -9.28 12.98
C LEU A 432 -26.79 -10.17 12.57
N HIS A 433 -27.86 -9.57 12.10
CA HIS A 433 -29.12 -10.30 11.81
C HIS A 433 -29.69 -9.87 10.46
N ARG A 434 -30.40 -10.77 9.78
CA ARG A 434 -31.37 -10.45 8.71
C ARG A 434 -32.58 -9.76 9.31
N THR A 435 -33.06 -8.71 8.66
CA THR A 435 -34.34 -8.03 9.00
C THR A 435 -35.49 -8.80 8.37
N PRO A 436 -36.75 -8.56 8.78
CA PRO A 436 -37.91 -9.18 8.11
C PRO A 436 -37.94 -8.94 6.59
N ALA A 437 -37.46 -7.80 6.10
CA ALA A 437 -37.46 -7.43 4.66
C ALA A 437 -36.21 -7.94 3.94
N GLY A 438 -35.33 -8.67 4.63
CA GLY A 438 -34.13 -9.31 4.05
C GLY A 438 -32.91 -8.40 4.01
N ASN A 439 -32.90 -7.30 4.76
CA ASN A 439 -31.72 -6.40 4.87
C ASN A 439 -30.90 -6.88 6.08
N PHE A 440 -29.97 -6.06 6.55
CA PHE A 440 -29.11 -6.41 7.71
C PHE A 440 -29.32 -5.41 8.83
N VAL A 441 -29.18 -5.88 10.06
CA VAL A 441 -29.17 -4.97 11.24
C VAL A 441 -28.13 -5.50 12.24
N THR A 442 -27.40 -4.57 12.85
CA THR A 442 -26.52 -4.84 14.00
C THR A 442 -27.26 -4.47 15.29
N LEU A 443 -27.49 -5.46 16.15
CA LEU A 443 -28.13 -5.28 17.48
C LEU A 443 -27.04 -5.01 18.53
N GLU A 444 -27.30 -4.00 19.35
CA GLU A 444 -26.34 -3.49 20.35
C GLU A 444 -26.81 -3.93 21.73
N GLU A 445 -25.96 -3.78 22.74
CA GLU A 445 -26.32 -3.91 24.18
C GLU A 445 -26.81 -5.33 24.46
N GLY A 446 -26.36 -6.31 23.66
CA GLY A 446 -26.67 -7.74 23.86
C GLY A 446 -28.10 -8.07 23.51
N LYS A 447 -28.80 -7.22 22.76
CA LYS A 447 -30.24 -7.41 22.43
C LYS A 447 -30.43 -8.60 21.47
N GLY A 448 -29.37 -9.10 20.83
CA GLY A 448 -29.41 -10.37 20.07
C GLY A 448 -29.94 -11.51 20.93
N ASP A 449 -29.65 -11.50 22.24
CA ASP A 449 -30.01 -12.56 23.21
C ASP A 449 -31.53 -12.70 23.35
N LEU A 450 -32.27 -11.64 23.04
CA LEU A 450 -33.77 -11.64 23.06
C LEU A 450 -34.33 -12.53 21.95
N GLU A 451 -33.56 -12.78 20.88
CA GLU A 451 -33.90 -13.70 19.75
C GLU A 451 -35.16 -13.23 19.02
N GLU A 452 -35.31 -11.93 18.75
CA GLU A 452 -36.47 -11.39 17.99
C GLU A 452 -36.13 -11.32 16.50
N TYR A 453 -34.87 -11.60 16.14
CA TYR A 453 -34.28 -11.31 14.82
C TYR A 453 -33.55 -12.53 14.23
N GLY A 454 -33.90 -13.75 14.63
CA GLY A 454 -33.31 -14.97 14.04
C GLY A 454 -31.81 -15.05 14.31
N GLN A 455 -31.10 -15.93 13.61
CA GLN A 455 -29.74 -16.38 14.00
C GLN A 455 -28.73 -15.26 13.74
N ASP A 456 -27.78 -15.12 14.66
CA ASP A 456 -26.58 -14.26 14.49
C ASP A 456 -25.81 -14.78 13.27
N LEU A 457 -25.50 -13.90 12.31
CA LEU A 457 -24.72 -14.24 11.10
C LEU A 457 -23.21 -14.26 11.39
N LEU A 458 -22.76 -13.81 12.56
CA LEU A 458 -21.33 -13.94 12.97
C LEU A 458 -21.11 -15.39 13.40
N HIS A 459 -20.06 -16.01 12.88
CA HIS A 459 -19.63 -17.37 13.27
C HIS A 459 -18.25 -17.31 13.91
N THR A 460 -17.97 -18.18 14.87
CA THR A 460 -16.61 -18.30 15.44
C THR A 460 -15.68 -18.81 14.34
N VAL A 461 -14.65 -18.02 14.01
CA VAL A 461 -13.65 -18.37 12.95
C VAL A 461 -12.30 -18.68 13.61
N PHE A 462 -12.09 -18.18 14.83
CA PHE A 462 -10.83 -18.35 15.59
C PHE A 462 -11.15 -18.47 17.08
N LYS A 463 -10.56 -19.47 17.72
CA LYS A 463 -10.71 -19.64 19.18
C LYS A 463 -9.48 -20.33 19.75
N ASN A 464 -8.77 -19.67 20.66
CA ASN A 464 -7.67 -20.26 21.46
C ASN A 464 -6.63 -20.87 20.53
N GLY A 465 -6.23 -20.12 19.49
CA GLY A 465 -5.08 -20.43 18.62
C GLY A 465 -5.43 -21.33 17.44
N LYS A 466 -6.72 -21.63 17.24
CA LYS A 466 -7.18 -22.54 16.17
C LYS A 466 -8.16 -21.80 15.28
N VAL A 467 -8.02 -21.96 13.97
CA VAL A 467 -9.02 -21.51 12.96
C VAL A 467 -10.14 -22.53 12.99
N THR A 468 -11.36 -22.13 13.33
CA THR A 468 -12.48 -23.04 13.62
C THR A 468 -13.46 -23.12 12.46
N LYS A 469 -13.42 -22.17 11.54
CA LYS A 469 -14.29 -22.15 10.34
C LYS A 469 -13.55 -21.44 9.21
N SER A 470 -13.52 -22.07 8.03
CA SER A 470 -12.78 -21.64 6.82
C SER A 470 -13.74 -21.63 5.62
N TYR A 471 -13.44 -20.80 4.64
CA TYR A 471 -14.21 -20.66 3.39
C TYR A 471 -13.26 -20.94 2.23
N SER A 472 -13.76 -21.59 1.19
CA SER A 472 -12.98 -21.76 -0.06
C SER A 472 -13.11 -20.46 -0.87
N PHE A 473 -12.22 -20.26 -1.83
CA PHE A 473 -12.29 -19.05 -2.67
C PHE A 473 -13.57 -19.16 -3.52
N ASP A 474 -14.00 -20.39 -3.80
CA ASP A 474 -15.21 -20.66 -4.63
C ASP A 474 -16.44 -20.15 -3.90
N GLU A 475 -16.56 -20.43 -2.61
CA GLU A 475 -17.66 -19.96 -1.73
C GLU A 475 -17.66 -18.44 -1.68
N ILE A 476 -16.48 -17.83 -1.55
CA ILE A 476 -16.35 -16.36 -1.41
C ILE A 476 -16.86 -15.67 -2.69
N ARG A 477 -16.46 -16.19 -3.87
CA ARG A 477 -16.91 -15.66 -5.18
C ARG A 477 -18.43 -15.75 -5.28
N LYS A 478 -19.01 -16.90 -4.90
CA LYS A 478 -20.48 -17.09 -4.88
C LYS A 478 -21.13 -16.01 -4.00
N ASN A 479 -20.61 -15.81 -2.80
CA ASN A 479 -21.22 -14.86 -1.81
C ASN A 479 -21.16 -13.43 -2.34
N ALA A 480 -20.14 -13.09 -3.15
CA ALA A 480 -19.86 -11.70 -3.60
C ALA A 480 -20.48 -11.42 -4.98
N GLN A 481 -21.29 -12.34 -5.51
CA GLN A 481 -21.91 -12.17 -6.86
C GLN A 481 -22.78 -10.92 -6.88
N LEU A 482 -22.94 -10.30 -8.05
CA LEU A 482 -23.84 -9.15 -8.27
C LEU A 482 -25.29 -9.65 -8.30
N ASN A 483 -26.25 -8.80 -7.95
CA ASN A 483 -27.71 -9.06 -8.17
C ASN A 483 -27.99 -9.31 -9.65
N ILE A 484 -27.49 -8.45 -10.53
CA ILE A 484 -27.64 -8.55 -12.03
C ILE A 484 -27.17 -9.93 -12.51
N GLU A 485 -26.16 -10.54 -11.86
CA GLU A 485 -25.67 -11.94 -12.12
C GLU A 485 -26.72 -12.94 -11.62
N LEU A 486 -27.27 -12.73 -10.41
CA LEU A 486 -28.39 -13.57 -9.85
C LEU A 486 -29.69 -13.24 -10.60
N PHE B 9 9.62 -17.61 -1.11
CA PHE B 9 9.47 -16.66 -2.24
C PHE B 9 10.09 -17.28 -3.49
N ASN B 10 9.42 -17.13 -4.63
CA ASN B 10 9.89 -17.66 -5.94
C ASN B 10 9.92 -16.52 -6.96
N ILE B 11 11.11 -16.04 -7.31
CA ILE B 11 11.29 -14.90 -8.26
C ILE B 11 10.70 -15.25 -9.64
N LEU B 12 10.54 -16.53 -9.98
CA LEU B 12 9.93 -16.93 -11.28
C LEU B 12 8.43 -16.60 -11.26
N LEU B 13 7.84 -16.48 -10.08
CA LEU B 13 6.41 -16.09 -9.91
C LEU B 13 6.27 -14.67 -9.33
N ALA B 14 7.31 -13.82 -9.43
CA ALA B 14 7.28 -12.44 -8.86
C ALA B 14 7.48 -11.40 -9.97
N THR B 15 6.75 -11.58 -11.07
CA THR B 15 6.75 -10.64 -12.21
C THR B 15 5.31 -10.49 -12.74
N ASP B 16 5.07 -9.41 -13.47
CA ASP B 16 3.81 -9.27 -14.25
C ASP B 16 3.70 -10.46 -15.21
N SER B 17 2.53 -11.10 -15.29
CA SER B 17 2.29 -12.27 -16.17
C SER B 17 2.87 -12.06 -17.58
N TYR B 18 2.64 -10.91 -18.20
CA TYR B 18 3.00 -10.71 -19.62
C TYR B 18 4.51 -10.82 -19.82
N LYS B 19 5.31 -10.56 -18.79
CA LYS B 19 6.79 -10.61 -18.90
C LYS B 19 7.25 -12.06 -19.14
N VAL B 20 6.45 -13.04 -18.73
CA VAL B 20 6.71 -14.47 -19.05
C VAL B 20 6.80 -14.66 -20.58
N THR B 21 6.11 -13.86 -21.38
CA THR B 21 5.99 -14.05 -22.85
C THR B 21 6.96 -13.14 -23.61
N HIS B 22 7.72 -12.27 -22.93
CA HIS B 22 8.57 -11.26 -23.60
C HIS B 22 9.81 -11.86 -24.28
N TYR B 23 10.39 -12.95 -23.80
CA TYR B 23 11.63 -13.50 -24.41
C TYR B 23 11.39 -13.80 -25.90
N LYS B 24 10.15 -14.05 -26.28
CA LYS B 24 9.74 -14.37 -27.67
C LYS B 24 9.48 -13.12 -28.50
N GLN B 25 9.57 -11.90 -27.93
CA GLN B 25 9.08 -10.64 -28.58
C GLN B 25 10.24 -9.72 -28.98
N TYR B 26 11.40 -9.86 -28.31
CA TYR B 26 12.60 -9.02 -28.58
C TYR B 26 13.10 -9.35 -29.98
N PRO B 27 13.85 -8.45 -30.65
CA PRO B 27 14.44 -8.81 -31.94
C PRO B 27 15.34 -10.03 -31.82
N PRO B 28 15.30 -10.96 -32.80
CA PRO B 28 16.26 -12.07 -32.85
C PRO B 28 17.71 -11.59 -32.73
N ASN B 29 18.55 -12.37 -32.05
CA ASN B 29 20.01 -12.09 -31.85
C ASN B 29 20.20 -10.83 -31.00
N THR B 30 19.32 -10.56 -30.03
CA THR B 30 19.52 -9.53 -28.98
C THR B 30 20.37 -10.14 -27.86
N SER B 31 21.51 -9.52 -27.56
CA SER B 31 22.52 -9.99 -26.57
C SER B 31 22.48 -9.14 -25.30
N LYS B 32 21.92 -7.92 -25.38
CA LYS B 32 21.89 -6.98 -24.23
C LYS B 32 20.59 -6.18 -24.25
N VAL B 33 19.95 -6.13 -23.09
CA VAL B 33 18.85 -5.19 -22.77
C VAL B 33 19.30 -4.40 -21.54
N TYR B 34 19.30 -3.07 -21.69
CA TYR B 34 19.77 -2.09 -20.68
C TYR B 34 18.60 -1.16 -20.40
N SER B 35 18.24 -1.06 -19.13
CA SER B 35 17.08 -0.31 -18.67
C SER B 35 17.45 0.59 -17.51
N TYR B 36 16.62 1.58 -17.23
CA TYR B 36 16.91 2.57 -16.18
C TYR B 36 15.61 2.96 -15.47
N PHE B 37 15.78 3.45 -14.25
CA PHE B 37 14.70 3.97 -13.39
C PHE B 37 14.91 5.46 -13.19
N GLU B 38 13.83 6.24 -13.34
CA GLU B 38 13.85 7.69 -13.01
C GLU B 38 12.51 8.08 -12.34
N CYS B 39 12.51 9.20 -11.64
CA CYS B 39 11.27 9.88 -11.18
C CYS B 39 11.01 10.98 -12.21
N ARG B 40 10.28 10.66 -13.27
CA ARG B 40 10.12 11.53 -14.47
C ARG B 40 9.64 12.91 -14.06
N GLU B 41 10.13 13.95 -14.72
CA GLU B 41 9.58 15.34 -14.64
C GLU B 41 8.16 15.34 -15.23
N LYS B 42 7.24 16.12 -14.66
CA LYS B 42 5.82 16.22 -15.11
C LYS B 42 5.53 17.66 -15.54
N LYS B 53 4.94 20.16 -5.02
CA LYS B 53 5.71 20.17 -6.31
C LYS B 53 6.62 18.93 -6.42
N TYR B 54 7.31 18.56 -5.34
CA TYR B 54 8.26 17.40 -5.29
C TYR B 54 9.34 17.50 -6.37
N GLU B 55 10.20 18.51 -6.28
CA GLU B 55 11.25 18.78 -7.29
C GLU B 55 12.45 17.84 -7.10
N GLU B 56 12.60 17.23 -5.92
CA GLU B 56 13.78 16.37 -5.62
C GLU B 56 13.32 15.16 -4.80
N THR B 57 13.95 14.00 -5.01
CA THR B 57 13.49 12.73 -4.43
C THR B 57 14.64 12.16 -3.60
N VAL B 58 14.29 11.56 -2.47
CA VAL B 58 15.24 10.76 -1.65
C VAL B 58 15.31 9.38 -2.28
N PHE B 59 16.49 8.95 -2.73
CA PHE B 59 16.71 7.58 -3.23
C PHE B 59 16.94 6.65 -2.05
N TYR B 60 15.94 5.82 -1.74
CA TYR B 60 15.99 4.91 -0.57
C TYR B 60 15.19 3.65 -0.91
N GLY B 61 15.76 2.48 -0.64
CA GLY B 61 14.97 1.23 -0.51
C GLY B 61 15.47 0.11 -1.40
N LEU B 62 16.33 0.41 -2.36
CA LEU B 62 16.82 -0.59 -3.33
C LEU B 62 17.60 -1.68 -2.55
N GLN B 63 18.38 -1.30 -1.56
CA GLN B 63 19.24 -2.27 -0.83
C GLN B 63 18.39 -3.38 -0.20
N TYR B 64 17.25 -3.02 0.40
CA TYR B 64 16.25 -3.99 0.93
C TYR B 64 15.89 -5.03 -0.15
N ILE B 65 15.53 -4.53 -1.34
CA ILE B 65 15.06 -5.39 -2.47
C ILE B 65 16.21 -6.31 -2.94
N LEU B 66 17.41 -5.75 -3.13
CA LEU B 66 18.61 -6.53 -3.57
C LEU B 66 18.83 -7.71 -2.61
N ASN B 67 18.79 -7.45 -1.30
CA ASN B 67 19.13 -8.45 -0.26
C ASN B 67 17.99 -9.45 -0.07
N LYS B 68 16.75 -8.98 0.00
CA LYS B 68 15.61 -9.87 0.33
C LYS B 68 15.27 -10.76 -0.86
N TYR B 69 15.33 -10.25 -2.10
CA TYR B 69 14.71 -10.89 -3.28
C TYR B 69 15.70 -11.31 -4.35
N LEU B 70 16.81 -10.58 -4.57
CA LEU B 70 17.60 -10.76 -5.82
C LEU B 70 18.93 -11.48 -5.58
N LYS B 71 19.53 -11.41 -4.38
CA LYS B 71 20.93 -11.92 -4.19
C LYS B 71 20.90 -13.44 -3.97
N GLY B 72 22.01 -14.09 -4.28
CA GLY B 72 22.27 -15.50 -3.93
C GLY B 72 21.55 -16.45 -4.86
N LYS B 73 21.36 -17.70 -4.44
CA LYS B 73 20.71 -18.71 -5.30
C LYS B 73 19.20 -18.49 -5.27
N VAL B 74 18.66 -17.82 -6.28
CA VAL B 74 17.21 -17.46 -6.33
C VAL B 74 16.50 -18.42 -7.30
N VAL B 75 17.23 -19.31 -7.97
CA VAL B 75 16.64 -20.32 -8.90
C VAL B 75 16.99 -21.73 -8.39
N THR B 76 16.00 -22.61 -8.30
CA THR B 76 16.16 -24.06 -8.03
C THR B 76 15.32 -24.88 -9.01
N LYS B 77 15.60 -26.18 -9.13
CA LYS B 77 14.77 -27.11 -9.95
C LYS B 77 13.32 -27.01 -9.50
N GLU B 78 13.08 -26.98 -8.18
CA GLU B 78 11.71 -26.97 -7.60
C GLU B 78 10.99 -25.69 -8.03
N LYS B 79 11.69 -24.55 -8.03
CA LYS B 79 11.09 -23.24 -8.36
C LYS B 79 10.76 -23.19 -9.85
N ILE B 80 11.59 -23.79 -10.71
CA ILE B 80 11.31 -23.82 -12.18
C ILE B 80 10.06 -24.68 -12.42
N GLN B 81 9.98 -25.87 -11.81
CA GLN B 81 8.83 -26.80 -11.99
C GLN B 81 7.52 -26.13 -11.51
N GLU B 82 7.55 -25.47 -10.35
CA GLU B 82 6.37 -24.78 -9.74
C GLU B 82 5.85 -23.71 -10.72
N ALA B 83 6.76 -22.88 -11.24
CA ALA B 83 6.45 -21.78 -12.21
C ALA B 83 5.88 -22.38 -13.49
N LYS B 84 6.55 -23.39 -14.05
CA LYS B 84 6.09 -24.08 -15.28
C LYS B 84 4.63 -24.52 -15.11
N ASP B 85 4.33 -25.16 -13.99
CA ASP B 85 2.99 -25.76 -13.71
C ASP B 85 1.95 -24.63 -13.55
N VAL B 86 2.30 -23.55 -12.85
CA VAL B 86 1.35 -22.42 -12.63
C VAL B 86 1.05 -21.76 -13.98
N TYR B 87 2.10 -21.46 -14.75
CA TYR B 87 1.99 -20.69 -16.02
C TYR B 87 1.23 -21.54 -17.05
N LYS B 88 1.42 -22.85 -17.04
CA LYS B 88 0.67 -23.75 -17.97
C LYS B 88 -0.83 -23.49 -17.79
N GLU B 89 -1.31 -23.39 -16.55
CA GLU B 89 -2.75 -23.18 -16.23
C GLU B 89 -3.13 -21.71 -16.41
N HIS B 90 -2.25 -20.78 -16.02
CA HIS B 90 -2.54 -19.32 -16.02
C HIS B 90 -2.73 -18.82 -17.46
N PHE B 91 -1.92 -19.32 -18.40
CA PHE B 91 -1.95 -18.96 -19.85
C PHE B 91 -2.73 -19.98 -20.67
N GLN B 92 -3.12 -21.10 -20.05
CA GLN B 92 -3.73 -22.25 -20.77
C GLN B 92 -2.85 -22.57 -21.99
N ASP B 93 -1.53 -22.55 -21.80
CA ASP B 93 -0.54 -22.69 -22.89
C ASP B 93 0.85 -22.83 -22.27
N ASP B 94 1.79 -23.41 -23.02
CA ASP B 94 3.21 -23.60 -22.62
C ASP B 94 4.03 -22.46 -23.26
N VAL B 95 4.12 -21.34 -22.56
CA VAL B 95 4.88 -20.15 -23.03
C VAL B 95 6.08 -19.91 -22.09
N PHE B 96 6.09 -20.49 -20.90
CA PHE B 96 7.15 -20.26 -19.89
C PHE B 96 8.54 -20.69 -20.41
N ASN B 97 9.56 -19.83 -20.23
CA ASN B 97 10.95 -20.03 -20.70
C ASN B 97 11.73 -20.97 -19.75
N GLU B 98 11.32 -22.24 -19.70
CA GLU B 98 11.96 -23.25 -18.81
C GLU B 98 13.46 -23.34 -19.14
N LYS B 99 13.83 -23.31 -20.42
CA LYS B 99 15.23 -23.47 -20.88
C LYS B 99 16.06 -22.28 -20.40
N GLY B 100 15.54 -21.07 -20.54
CA GLY B 100 16.21 -19.83 -20.08
C GLY B 100 16.55 -19.89 -18.60
N TRP B 101 15.59 -20.26 -17.76
CA TRP B 101 15.77 -20.36 -16.29
C TRP B 101 16.69 -21.53 -15.95
N ASN B 102 16.59 -22.65 -16.67
CA ASN B 102 17.49 -23.81 -16.46
C ASN B 102 18.96 -23.41 -16.73
N TYR B 103 19.20 -22.59 -17.76
CA TYR B 103 20.53 -22.05 -18.13
C TYR B 103 21.16 -21.31 -16.93
N ILE B 104 20.40 -20.42 -16.30
CA ILE B 104 20.85 -19.66 -15.09
C ILE B 104 21.15 -20.64 -13.94
N LEU B 105 20.27 -21.58 -13.66
CA LEU B 105 20.49 -22.62 -12.61
C LEU B 105 21.79 -23.38 -12.91
N GLU B 106 21.98 -23.88 -14.13
CA GLU B 106 23.13 -24.77 -14.49
C GLU B 106 24.43 -23.97 -14.60
N LYS B 107 24.40 -22.78 -15.21
CA LYS B 107 25.60 -21.95 -15.51
C LYS B 107 26.08 -21.18 -14.27
N TYR B 108 25.17 -20.60 -13.47
CA TYR B 108 25.51 -19.60 -12.43
C TYR B 108 25.02 -20.09 -11.06
N ASP B 109 24.74 -21.39 -10.93
CA ASP B 109 24.16 -21.98 -9.69
C ASP B 109 23.01 -21.09 -9.20
N GLY B 110 22.16 -20.64 -10.13
CA GLY B 110 20.89 -19.93 -9.84
C GLY B 110 21.10 -18.50 -9.37
N HIS B 111 22.29 -17.94 -9.57
CA HIS B 111 22.59 -16.51 -9.32
C HIS B 111 22.26 -15.69 -10.57
N LEU B 112 21.60 -14.53 -10.42
CA LEU B 112 21.15 -13.73 -11.58
C LEU B 112 22.35 -13.06 -12.24
N PRO B 113 22.57 -13.31 -13.55
CA PRO B 113 23.61 -12.60 -14.32
C PRO B 113 23.11 -11.22 -14.78
N ILE B 114 23.06 -10.30 -13.81
CA ILE B 114 22.55 -8.90 -13.88
C ILE B 114 23.59 -8.00 -13.23
N GLU B 115 23.79 -6.80 -13.76
CA GLU B 115 24.54 -5.72 -13.09
C GLU B 115 23.59 -4.54 -12.86
N ILE B 116 23.48 -4.09 -11.60
CA ILE B 116 22.68 -2.87 -11.25
C ILE B 116 23.65 -1.79 -10.77
N LYS B 117 23.55 -0.59 -11.33
CA LYS B 117 24.31 0.59 -10.87
C LYS B 117 23.31 1.58 -10.28
N ALA B 118 23.64 2.17 -9.13
CA ALA B 118 22.68 3.03 -8.41
C ALA B 118 23.37 4.26 -7.80
N VAL B 119 22.62 5.35 -7.70
CA VAL B 119 23.04 6.52 -6.87
C VAL B 119 23.02 6.06 -5.42
N PRO B 120 23.94 6.57 -4.57
CA PRO B 120 23.98 6.19 -3.15
C PRO B 120 22.63 6.43 -2.43
N GLU B 121 22.27 5.51 -1.55
CA GLU B 121 20.99 5.62 -0.80
C GLU B 121 21.05 6.82 0.13
N GLY B 122 19.92 7.52 0.22
CA GLY B 122 19.77 8.78 0.96
C GLY B 122 20.05 10.00 0.09
N PHE B 123 20.67 9.82 -1.09
CA PHE B 123 20.98 10.91 -2.02
C PHE B 123 19.66 11.59 -2.40
N VAL B 124 19.70 12.94 -2.41
CA VAL B 124 18.56 13.81 -2.77
C VAL B 124 18.81 14.34 -4.18
N ILE B 125 18.03 13.89 -5.15
CA ILE B 125 18.31 14.06 -6.60
C ILE B 125 17.10 14.73 -7.23
N PRO B 126 17.30 15.77 -8.06
CA PRO B 126 16.21 16.36 -8.82
C PRO B 126 15.48 15.34 -9.71
N ARG B 127 14.20 15.59 -9.94
CA ARG B 127 13.34 14.82 -10.88
C ARG B 127 14.00 14.75 -12.26
N GLY B 128 13.79 13.65 -12.98
CA GLY B 128 14.22 13.48 -14.39
C GLY B 128 15.65 13.01 -14.50
N ASN B 129 16.21 12.44 -13.44
CA ASN B 129 17.60 11.94 -13.40
C ASN B 129 17.60 10.42 -13.27
N VAL B 130 18.56 9.78 -13.92
CA VAL B 130 18.79 8.32 -13.75
C VAL B 130 19.14 8.08 -12.28
N LEU B 131 18.42 7.15 -11.65
CA LEU B 131 18.65 6.73 -10.25
C LEU B 131 19.32 5.35 -10.21
N PHE B 132 18.91 4.42 -11.08
CA PHE B 132 19.62 3.13 -11.22
C PHE B 132 19.42 2.60 -12.65
N THR B 133 20.34 1.73 -13.05
CA THR B 133 20.36 1.05 -14.37
C THR B 133 20.50 -0.45 -14.12
N VAL B 134 19.95 -1.21 -15.06
CA VAL B 134 19.94 -2.69 -14.99
C VAL B 134 20.35 -3.20 -16.36
N GLU B 135 21.26 -4.17 -16.42
CA GLU B 135 21.62 -4.85 -17.70
C GLU B 135 21.98 -6.29 -17.39
N ASN B 136 21.83 -7.17 -18.37
CA ASN B 136 22.27 -8.59 -18.28
C ASN B 136 23.77 -8.65 -18.52
N THR B 137 24.46 -9.56 -17.84
CA THR B 137 25.93 -9.77 -17.96
C THR B 137 26.24 -11.00 -18.81
N ASP B 138 25.20 -11.73 -19.24
CA ASP B 138 25.31 -12.87 -20.18
C ASP B 138 24.33 -12.63 -21.34
N PRO B 139 24.80 -12.74 -22.62
CA PRO B 139 23.93 -12.56 -23.78
C PRO B 139 22.69 -13.47 -23.83
N GLU B 140 22.79 -14.69 -23.29
CA GLU B 140 21.67 -15.66 -23.23
C GLU B 140 20.53 -15.12 -22.36
N CYS B 141 20.83 -14.20 -21.44
CA CYS B 141 19.87 -13.68 -20.41
C CYS B 141 19.42 -12.25 -20.75
N TYR B 142 19.37 -11.89 -22.04
CA TYR B 142 18.85 -10.61 -22.57
C TYR B 142 17.44 -10.33 -22.02
N TRP B 143 16.66 -11.39 -21.78
CA TRP B 143 15.24 -11.34 -21.33
C TRP B 143 15.15 -11.04 -19.82
N LEU B 144 16.26 -11.19 -19.08
CA LEU B 144 16.22 -11.16 -17.60
C LEU B 144 16.13 -9.71 -17.09
N THR B 145 16.71 -8.74 -17.82
CA THR B 145 16.73 -7.31 -17.43
C THR B 145 15.31 -6.84 -17.07
N ASN B 146 14.35 -7.03 -17.99
CA ASN B 146 12.97 -6.52 -17.78
C ASN B 146 12.08 -7.51 -17.02
N TRP B 147 12.47 -8.78 -16.86
CA TRP B 147 11.77 -9.73 -15.94
C TRP B 147 11.67 -9.13 -14.54
N ILE B 148 12.76 -8.51 -14.07
CA ILE B 148 12.88 -8.02 -12.67
C ILE B 148 12.43 -6.55 -12.60
N GLU B 149 11.87 -5.99 -13.69
CA GLU B 149 11.27 -4.62 -13.63
C GLU B 149 10.28 -4.55 -12.45
N THR B 150 9.33 -5.48 -12.39
CA THR B 150 8.19 -5.40 -11.44
C THR B 150 8.70 -5.29 -9.99
N ILE B 151 9.64 -6.17 -9.60
CA ILE B 151 10.29 -6.18 -8.25
C ILE B 151 11.01 -4.85 -8.02
N LEU B 152 11.81 -4.39 -8.98
CA LEU B 152 12.65 -3.18 -8.76
C LEU B 152 11.76 -1.93 -8.73
N VAL B 153 10.67 -1.92 -9.50
CA VAL B 153 9.84 -0.69 -9.66
C VAL B 153 9.13 -0.44 -8.33
N GLN B 154 8.95 -1.46 -7.51
CA GLN B 154 8.33 -1.31 -6.16
C GLN B 154 9.22 -0.42 -5.27
N SER B 155 10.46 -0.12 -5.66
CA SER B 155 11.30 0.90 -4.99
C SER B 155 10.58 2.26 -4.99
N TRP B 156 9.59 2.45 -5.87
CA TRP B 156 8.81 3.73 -5.88
C TRP B 156 8.32 4.04 -4.44
N TYR B 157 7.93 3.02 -3.71
CA TYR B 157 7.21 3.19 -2.43
C TYR B 157 8.16 3.78 -1.38
N PRO B 158 9.29 3.13 -1.01
CA PRO B 158 10.21 3.74 -0.04
C PRO B 158 10.75 5.09 -0.53
N ILE B 159 10.98 5.25 -1.83
CA ILE B 159 11.42 6.57 -2.39
C ILE B 159 10.35 7.61 -2.07
N THR B 160 9.10 7.28 -2.31
CA THR B 160 7.98 8.24 -2.21
C THR B 160 7.68 8.54 -0.74
N VAL B 161 7.70 7.53 0.11
CA VAL B 161 7.47 7.76 1.57
C VAL B 161 8.59 8.67 2.08
N ALA B 162 9.85 8.34 1.76
CA ALA B 162 11.04 9.07 2.26
C ALA B 162 10.96 10.52 1.76
N THR B 163 10.61 10.71 0.48
CA THR B 163 10.51 12.04 -0.15
C THR B 163 9.40 12.86 0.51
N ASN B 164 8.20 12.30 0.61
CA ASN B 164 7.03 13.00 1.18
C ASN B 164 7.29 13.34 2.66
N SER B 165 7.90 12.44 3.42
CA SER B 165 8.26 12.66 4.84
C SER B 165 9.26 13.82 4.93
N ARG B 166 10.25 13.89 4.04
CA ARG B 166 11.30 14.94 4.02
C ARG B 166 10.65 16.30 3.67
N GLU B 167 9.70 16.31 2.73
CA GLU B 167 8.98 17.55 2.36
C GLU B 167 8.20 18.05 3.59
N GLN B 168 7.65 17.18 4.42
CA GLN B 168 6.95 17.63 5.67
C GLN B 168 7.98 18.16 6.67
N LYS B 169 9.14 17.54 6.75
CA LYS B 169 10.23 18.05 7.62
C LYS B 169 10.63 19.48 7.20
N LYS B 170 10.62 19.81 5.90
CA LYS B 170 11.02 21.14 5.39
C LYS B 170 10.02 22.18 5.92
N ILE B 171 8.74 21.84 5.88
CA ILE B 171 7.64 22.72 6.37
C ILE B 171 7.82 22.91 7.88
N LEU B 172 7.99 21.83 8.63
CA LEU B 172 8.13 21.91 10.10
C LEU B 172 9.39 22.71 10.44
N ALA B 173 10.49 22.51 9.70
CA ALA B 173 11.77 23.18 10.01
C ALA B 173 11.61 24.69 9.78
N LYS B 174 10.94 25.08 8.70
CA LYS B 174 10.74 26.52 8.38
C LYS B 174 9.98 27.20 9.53
N TYR B 175 8.86 26.62 9.96
CA TYR B 175 7.95 27.24 10.95
C TYR B 175 8.55 27.13 12.37
N LEU B 176 9.27 26.05 12.69
CA LEU B 176 9.92 25.92 14.00
C LEU B 176 11.04 26.98 14.10
N LEU B 177 11.84 27.11 13.03
CA LEU B 177 12.94 28.13 13.01
C LEU B 177 12.33 29.52 13.17
N GLU B 178 11.26 29.80 12.44
CA GLU B 178 10.64 31.16 12.48
C GLU B 178 10.03 31.45 13.85
N THR B 179 9.38 30.48 14.49
CA THR B 179 8.63 30.74 15.76
C THR B 179 9.48 30.52 17.02
N SER B 180 10.60 29.78 16.95
CA SER B 180 11.45 29.43 18.12
C SER B 180 12.90 29.91 17.98
N GLY B 181 13.39 30.15 16.75
CA GLY B 181 14.79 30.56 16.50
C GLY B 181 15.76 29.40 16.38
N ASN B 182 15.29 28.15 16.50
CA ASN B 182 16.16 26.94 16.40
C ASN B 182 15.33 25.76 15.89
N LEU B 183 15.99 24.59 15.75
CA LEU B 183 15.34 23.35 15.24
C LEU B 183 15.25 22.29 16.34
N ASP B 184 15.37 22.66 17.62
CA ASP B 184 15.30 21.71 18.75
C ASP B 184 13.97 20.95 18.67
N GLY B 185 14.04 19.62 18.72
CA GLY B 185 12.87 18.72 18.72
C GLY B 185 12.30 18.45 17.34
N LEU B 186 12.91 18.97 16.25
CA LEU B 186 12.39 18.80 14.86
C LEU B 186 12.20 17.31 14.56
N GLU B 187 13.19 16.49 14.94
CA GLU B 187 13.23 15.04 14.59
C GLU B 187 12.12 14.25 15.32
N TYR B 188 11.33 14.86 16.22
CA TYR B 188 10.21 14.19 16.92
C TYR B 188 8.87 14.84 16.55
N LYS B 189 8.82 15.67 15.52
CA LYS B 189 7.64 16.54 15.27
C LYS B 189 6.62 15.86 14.32
N LEU B 190 7.01 14.75 13.69
CA LEU B 190 6.10 13.98 12.79
C LEU B 190 6.24 12.50 13.11
N HIS B 191 5.27 11.97 13.84
CA HIS B 191 5.28 10.58 14.39
C HIS B 191 4.46 9.67 13.47
N ASP B 192 4.98 8.47 13.21
CA ASP B 192 4.38 7.48 12.29
C ASP B 192 3.29 6.75 13.06
N PHE B 193 2.04 7.00 12.68
CA PHE B 193 0.81 6.38 13.25
C PHE B 193 0.23 5.35 12.26
N GLY B 194 0.99 4.94 11.22
CA GLY B 194 0.39 4.34 10.00
C GLY B 194 0.30 2.83 10.00
N TYR B 195 0.70 2.13 11.06
CA TYR B 195 0.79 0.64 11.04
C TYR B 195 -0.55 0.01 10.61
N ARG B 196 -1.68 0.43 11.21
CA ARG B 196 -3.00 -0.18 10.96
C ARG B 196 -3.51 0.23 9.58
N GLY B 197 -3.00 1.36 9.06
CA GLY B 197 -3.58 2.05 7.88
C GLY B 197 -2.85 1.69 6.59
N VAL B 198 -1.83 0.82 6.63
CA VAL B 198 -1.16 0.32 5.40
C VAL B 198 -1.76 -1.05 4.99
N SER B 199 -1.35 -1.54 3.83
CA SER B 199 -2.00 -2.65 3.11
C SER B 199 -1.44 -4.00 3.55
N SER B 200 -0.34 -4.04 4.29
CA SER B 200 0.30 -5.32 4.70
C SER B 200 1.39 -5.08 5.75
N GLN B 201 1.80 -6.17 6.41
CA GLN B 201 2.94 -6.18 7.35
C GLN B 201 4.21 -5.77 6.61
N GLU B 202 4.39 -6.25 5.38
CA GLU B 202 5.65 -5.96 4.65
C GLU B 202 5.70 -4.47 4.33
N THR B 203 4.60 -3.91 3.85
CA THR B 203 4.47 -2.45 3.58
C THR B 203 4.76 -1.66 4.85
N ALA B 204 4.26 -2.07 6.00
CA ALA B 204 4.47 -1.36 7.28
C ALA B 204 5.97 -1.21 7.51
N GLY B 205 6.72 -2.31 7.43
CA GLY B 205 8.18 -2.27 7.67
C GLY B 205 8.88 -1.31 6.70
N ILE B 206 8.57 -1.40 5.41
CA ILE B 206 9.28 -0.64 4.35
C ILE B 206 8.96 0.84 4.54
N GLY B 207 7.67 1.16 4.70
CA GLY B 207 7.23 2.57 4.79
C GLY B 207 7.72 3.20 6.08
N ALA B 208 7.63 2.49 7.21
CA ALA B 208 8.12 3.03 8.49
C ALA B 208 9.62 3.28 8.39
N SER B 209 10.38 2.41 7.72
CA SER B 209 11.84 2.60 7.59
C SER B 209 12.10 3.86 6.77
N ALA B 210 11.30 4.11 5.73
CA ALA B 210 11.47 5.28 4.83
C ALA B 210 11.21 6.58 5.61
N HIS B 211 10.20 6.58 6.48
CA HIS B 211 9.91 7.74 7.37
C HIS B 211 11.09 8.00 8.31
N LEU B 212 11.73 6.94 8.82
CA LEU B 212 12.83 7.08 9.81
C LEU B 212 14.11 7.61 9.15
N VAL B 213 14.15 7.74 7.83
CA VAL B 213 15.27 8.46 7.15
C VAL B 213 15.29 9.92 7.64
N ASN B 214 14.12 10.47 7.92
CA ASN B 214 13.94 11.91 8.22
C ASN B 214 13.65 12.18 9.71
N PHE B 215 13.00 11.26 10.40
CA PHE B 215 12.50 11.49 11.78
C PHE B 215 12.90 10.30 12.66
N LYS B 216 12.67 10.44 13.96
CA LYS B 216 13.06 9.46 14.98
C LYS B 216 11.84 8.90 15.71
N GLY B 217 10.63 9.41 15.46
CA GLY B 217 9.41 9.01 16.20
C GLY B 217 8.55 8.08 15.39
N THR B 218 8.30 6.87 15.88
CA THR B 218 7.44 5.88 15.19
C THR B 218 6.71 4.97 16.17
N ASP B 219 5.45 4.66 15.86
CA ASP B 219 4.70 3.56 16.51
C ASP B 219 4.65 2.35 15.59
N THR B 220 5.20 2.45 14.38
CA THR B 220 5.21 1.31 13.42
C THR B 220 6.46 0.48 13.72
N VAL B 221 6.34 -0.41 14.71
CA VAL B 221 7.47 -1.23 15.27
C VAL B 221 8.16 -2.04 14.15
N ALA B 222 7.44 -2.47 13.11
CA ALA B 222 7.95 -3.25 11.96
C ALA B 222 9.16 -2.57 11.32
N GLY B 223 9.21 -1.24 11.30
CA GLY B 223 10.36 -0.48 10.74
C GLY B 223 11.69 -0.80 11.43
N LEU B 224 11.69 -1.06 12.73
CA LEU B 224 12.95 -1.22 13.51
C LEU B 224 13.70 -2.46 13.01
N ALA B 225 13.03 -3.61 12.87
CA ALA B 225 13.66 -4.90 12.49
C ALA B 225 14.15 -4.84 11.04
N LEU B 226 13.43 -4.16 10.15
CA LEU B 226 13.84 -4.00 8.74
C LEU B 226 15.17 -3.23 8.72
N ILE B 227 15.24 -2.10 9.39
CA ILE B 227 16.48 -1.27 9.42
C ILE B 227 17.63 -2.09 9.99
N LYS B 228 17.40 -2.80 11.09
CA LYS B 228 18.48 -3.56 11.79
C LYS B 228 19.02 -4.65 10.84
N LYS B 229 18.14 -5.35 10.12
CA LYS B 229 18.53 -6.51 9.26
C LYS B 229 19.19 -6.04 7.96
N TYR B 230 18.73 -4.96 7.33
CA TYR B 230 19.10 -4.60 5.94
C TYR B 230 20.05 -3.39 5.86
N TYR B 231 20.08 -2.52 6.87
CA TYR B 231 20.83 -1.23 6.80
C TYR B 231 21.81 -1.11 7.97
N GLY B 232 21.31 -1.14 9.22
CA GLY B 232 22.15 -1.05 10.44
C GLY B 232 22.28 0.37 10.94
N THR B 233 22.25 0.54 12.27
CA THR B 233 22.51 1.84 12.96
C THR B 233 23.57 1.59 14.06
N LYS B 234 24.40 2.59 14.35
CA LYS B 234 25.29 2.62 15.55
C LYS B 234 24.41 2.50 16.81
N ASP B 235 23.28 3.21 16.85
CA ASP B 235 22.36 3.20 18.00
C ASP B 235 21.61 1.86 18.06
N PRO B 236 21.25 1.38 19.27
CA PRO B 236 20.45 0.17 19.42
C PRO B 236 19.18 0.14 18.55
N VAL B 237 18.44 1.24 18.48
CA VAL B 237 17.22 1.36 17.60
C VAL B 237 17.24 2.68 16.83
N PRO B 238 16.67 2.69 15.60
CA PRO B 238 16.56 3.91 14.82
C PRO B 238 15.36 4.80 15.19
N GLY B 239 14.40 4.29 15.96
CA GLY B 239 13.24 5.11 16.32
C GLY B 239 12.67 4.82 17.69
N TYR B 240 11.90 5.77 18.20
CA TYR B 240 11.51 5.85 19.62
C TYR B 240 10.03 6.17 19.72
N SER B 241 9.44 5.81 20.86
CA SER B 241 8.03 6.18 21.16
C SER B 241 7.89 6.48 22.66
N VAL B 242 6.66 6.81 23.05
CA VAL B 242 6.28 7.13 24.45
C VAL B 242 5.00 6.37 24.76
N PRO B 243 4.73 6.13 26.06
CA PRO B 243 3.42 5.66 26.48
C PRO B 243 2.32 6.62 26.00
N ALA B 244 1.19 6.07 25.62
CA ALA B 244 0.06 6.84 25.07
C ALA B 244 -1.20 6.01 25.24
N ALA B 245 -2.32 6.69 25.49
CA ALA B 245 -3.67 6.08 25.59
C ALA B 245 -4.26 5.90 24.19
N GLU B 246 -5.29 5.06 24.11
CA GLU B 246 -6.18 4.95 22.95
C GLU B 246 -7.61 5.10 23.47
N HIS B 247 -8.59 5.19 22.58
CA HIS B 247 -10.00 5.33 23.00
C HIS B 247 -10.38 4.17 23.93
N SER B 248 -9.93 2.94 23.65
CA SER B 248 -10.36 1.77 24.46
C SER B 248 -9.92 1.93 25.94
N THR B 249 -8.74 2.48 26.22
CA THR B 249 -8.22 2.62 27.61
C THR B 249 -8.86 3.78 28.35
N ILE B 250 -9.50 4.73 27.65
CA ILE B 250 -10.26 5.83 28.29
C ILE B 250 -11.73 5.37 28.44
N THR B 251 -12.36 4.89 27.37
CA THR B 251 -13.83 4.62 27.35
C THR B 251 -14.16 3.39 28.21
N ALA B 252 -13.21 2.46 28.43
CA ALA B 252 -13.43 1.24 29.25
C ALA B 252 -13.84 1.60 30.68
N TRP B 253 -13.49 2.81 31.15
CA TRP B 253 -13.79 3.29 32.53
C TRP B 253 -15.26 3.71 32.65
N GLY B 254 -15.94 3.90 31.51
CA GLY B 254 -17.31 4.42 31.43
C GLY B 254 -17.32 5.92 31.22
N LYS B 255 -18.38 6.43 30.56
CA LYS B 255 -18.54 7.85 30.16
C LYS B 255 -18.35 8.77 31.37
N ASP B 256 -18.92 8.42 32.53
CA ASP B 256 -18.91 9.30 33.73
C ASP B 256 -17.55 9.21 34.45
N HIS B 257 -16.60 8.40 34.00
CA HIS B 257 -15.31 8.19 34.73
C HIS B 257 -14.10 8.54 33.87
N GLU B 258 -14.25 9.44 32.89
CA GLU B 258 -13.12 9.90 32.05
C GLU B 258 -12.01 10.48 32.94
N LYS B 259 -12.37 11.28 33.95
CA LYS B 259 -11.40 11.89 34.90
C LYS B 259 -10.62 10.77 35.59
N ASP B 260 -11.29 9.69 36.01
CA ASP B 260 -10.61 8.56 36.71
C ASP B 260 -9.60 7.91 35.77
N ALA B 261 -9.95 7.72 34.49
CA ALA B 261 -9.05 7.14 33.47
C ALA B 261 -7.82 8.04 33.36
N PHE B 262 -8.02 9.36 33.18
CA PHE B 262 -6.90 10.34 33.00
C PHE B 262 -5.96 10.24 34.21
N GLU B 263 -6.52 10.25 35.42
CA GLU B 263 -5.72 10.32 36.69
C GLU B 263 -4.89 9.04 36.81
N HIS B 264 -5.48 7.88 36.49
CA HIS B 264 -4.81 6.56 36.56
C HIS B 264 -3.65 6.54 35.57
N ILE B 265 -3.89 6.99 34.35
CA ILE B 265 -2.88 6.88 33.26
C ILE B 265 -1.68 7.79 33.56
N VAL B 266 -1.89 9.05 33.93
CA VAL B 266 -0.75 9.98 34.20
C VAL B 266 -0.03 9.57 35.49
N THR B 267 -0.71 8.94 36.45
CA THR B 267 -0.07 8.42 37.70
C THR B 267 0.77 7.17 37.36
N GLN B 268 0.28 6.28 36.50
CA GLN B 268 1.03 5.08 36.04
C GLN B 268 2.30 5.51 35.29
N PHE B 269 2.28 6.63 34.56
CA PHE B 269 3.42 7.14 33.74
C PHE B 269 3.82 8.52 34.28
N SER B 270 4.11 8.60 35.58
CA SER B 270 4.35 9.88 36.31
C SER B 270 5.71 10.48 35.92
N SER B 271 6.69 9.65 35.51
CA SER B 271 8.09 10.12 35.34
C SER B 271 8.59 9.91 33.91
N VAL B 272 7.71 9.59 32.95
CA VAL B 272 8.06 9.53 31.50
C VAL B 272 7.02 10.38 30.77
N PRO B 273 7.27 10.79 29.51
CA PRO B 273 6.25 11.52 28.75
C PRO B 273 5.05 10.61 28.56
N VAL B 274 3.84 11.17 28.54
CA VAL B 274 2.62 10.34 28.30
C VAL B 274 1.66 11.17 27.45
N SER B 275 1.20 10.54 26.37
CA SER B 275 0.18 11.09 25.45
C SER B 275 -1.18 10.56 25.87
N VAL B 276 -2.18 11.44 26.01
CA VAL B 276 -3.55 11.01 26.43
C VAL B 276 -4.56 11.60 25.45
N VAL B 277 -5.17 10.71 24.68
CA VAL B 277 -6.28 11.06 23.76
C VAL B 277 -7.42 11.59 24.62
N SER B 278 -7.91 12.78 24.28
CA SER B 278 -8.75 13.60 25.20
C SER B 278 -10.10 13.94 24.56
N ASP B 279 -10.45 13.33 23.42
CA ASP B 279 -11.65 13.68 22.61
C ASP B 279 -12.71 12.59 22.65
N SER B 280 -12.64 11.61 23.57
CA SER B 280 -13.61 10.48 23.62
C SER B 280 -15.05 11.01 23.65
N TYR B 281 -15.33 12.07 24.42
CA TYR B 281 -16.68 12.65 24.60
C TYR B 281 -16.68 14.13 24.24
N ASP B 282 -15.74 14.92 24.76
CA ASP B 282 -15.72 16.40 24.56
C ASP B 282 -14.31 16.90 24.84
N ILE B 283 -13.49 17.00 23.79
CA ILE B 283 -12.08 17.50 23.85
C ILE B 283 -12.02 18.83 24.62
N TYR B 284 -12.96 19.74 24.39
CA TYR B 284 -12.91 21.11 24.96
C TYR B 284 -13.15 21.04 26.46
N ASN B 285 -14.11 20.23 26.89
CA ASN B 285 -14.39 19.95 28.33
C ASN B 285 -13.17 19.31 28.99
N ALA B 286 -12.59 18.29 28.34
CA ALA B 286 -11.40 17.57 28.86
C ALA B 286 -10.28 18.57 29.10
N CYS B 287 -10.00 19.46 28.16
CA CYS B 287 -8.87 20.41 28.29
C CYS B 287 -9.19 21.43 29.40
N GLU B 288 -10.38 22.00 29.40
CA GLU B 288 -10.68 23.16 30.29
C GLU B 288 -11.02 22.68 31.71
N LYS B 289 -11.84 21.65 31.86
CA LYS B 289 -12.39 21.25 33.18
C LYS B 289 -11.58 20.09 33.78
N ILE B 290 -11.20 19.07 33.01
CA ILE B 290 -10.54 17.86 33.60
C ILE B 290 -9.04 18.14 33.74
N TRP B 291 -8.31 18.35 32.64
CA TRP B 291 -6.88 18.70 32.74
C TRP B 291 -6.70 20.06 33.40
N GLY B 292 -7.54 21.03 33.01
CA GLY B 292 -7.37 22.45 33.36
C GLY B 292 -7.80 22.80 34.79
N GLU B 293 -8.59 21.95 35.44
CA GLU B 293 -9.11 22.24 36.80
C GLU B 293 -8.95 20.99 37.68
N ASP B 294 -9.68 19.91 37.39
CA ASP B 294 -9.79 18.71 38.27
C ASP B 294 -8.41 18.07 38.50
N LEU B 295 -7.61 17.88 37.45
CA LEU B 295 -6.33 17.14 37.51
C LEU B 295 -5.14 18.08 37.32
N ARG B 296 -5.35 19.40 37.30
CA ARG B 296 -4.27 20.40 37.04
C ARG B 296 -3.09 20.16 37.99
N HIS B 297 -3.35 19.78 39.25
CA HIS B 297 -2.31 19.56 40.29
C HIS B 297 -1.39 18.40 39.87
N LEU B 298 -1.86 17.45 39.07
CA LEU B 298 -1.04 16.28 38.63
C LEU B 298 -0.20 16.64 37.39
N ILE B 299 -0.55 17.71 36.68
CA ILE B 299 0.16 18.15 35.45
C ILE B 299 1.30 19.11 35.83
N VAL B 300 1.01 20.16 36.60
CA VAL B 300 1.99 21.25 36.89
C VAL B 300 3.17 20.71 37.72
N SER B 301 3.05 19.53 38.32
CA SER B 301 4.11 18.88 39.15
C SER B 301 5.09 18.06 38.29
N ARG B 302 4.78 17.83 37.01
CA ARG B 302 5.54 16.91 36.13
C ARG B 302 6.86 17.53 35.66
N SER B 303 7.84 16.66 35.41
CA SER B 303 9.20 16.99 34.92
C SER B 303 9.14 17.47 33.47
N THR B 304 10.05 18.37 33.07
CA THR B 304 10.32 18.76 31.67
C THR B 304 10.62 17.53 30.82
N GLN B 305 11.20 16.48 31.40
CA GLN B 305 11.53 15.21 30.69
C GLN B 305 10.29 14.28 30.70
N ALA B 306 9.17 14.69 31.29
CA ALA B 306 7.96 13.83 31.42
C ALA B 306 6.70 14.67 31.20
N PRO B 307 6.57 15.40 30.07
CA PRO B 307 5.36 16.17 29.82
C PRO B 307 4.13 15.28 29.62
N LEU B 308 2.97 15.82 29.99
CA LEU B 308 1.65 15.40 29.46
C LEU B 308 1.54 15.94 28.03
N ILE B 309 1.26 15.06 27.08
CA ILE B 309 0.95 15.50 25.71
C ILE B 309 -0.54 15.24 25.49
N ILE B 310 -1.34 16.32 25.36
CA ILE B 310 -2.79 16.20 25.12
C ILE B 310 -2.98 15.88 23.64
N ARG B 311 -3.82 14.89 23.33
CA ARG B 311 -4.05 14.45 21.93
C ARG B 311 -5.52 14.62 21.56
N PRO B 312 -5.85 15.68 20.78
CA PRO B 312 -7.13 15.71 20.07
C PRO B 312 -7.07 14.68 18.93
N ASP B 313 -8.23 14.19 18.50
CA ASP B 313 -8.31 13.15 17.44
C ASP B 313 -9.58 13.27 16.61
N SER B 314 -10.25 14.42 16.60
CA SER B 314 -11.49 14.61 15.81
C SER B 314 -11.76 16.09 15.57
N GLY B 315 -12.66 16.38 14.62
CA GLY B 315 -13.04 17.74 14.23
C GLY B 315 -12.09 18.29 13.18
N ASN B 316 -12.27 19.55 12.80
CA ASN B 316 -11.38 20.26 11.85
C ASN B 316 -10.01 20.32 12.49
N PRO B 317 -8.96 19.73 11.87
CA PRO B 317 -7.63 19.71 12.49
C PRO B 317 -7.10 21.09 12.94
N LEU B 318 -7.15 22.11 12.08
CA LEU B 318 -6.63 23.45 12.45
C LEU B 318 -7.51 24.05 13.56
N ASP B 319 -8.84 24.07 13.37
CA ASP B 319 -9.76 24.73 14.33
C ASP B 319 -9.60 24.08 15.71
N THR B 320 -9.45 22.75 15.74
CA THR B 320 -9.35 21.99 17.01
C THR B 320 -8.03 22.33 17.69
N VAL B 321 -6.92 22.34 16.95
CA VAL B 321 -5.60 22.70 17.55
C VAL B 321 -5.68 24.10 18.14
N LEU B 322 -6.23 25.08 17.42
CA LEU B 322 -6.23 26.50 17.87
C LEU B 322 -7.09 26.66 19.14
N LYS B 323 -8.21 25.96 19.20
CA LYS B 323 -9.14 26.08 20.36
C LYS B 323 -8.52 25.38 21.58
N VAL B 324 -7.92 24.20 21.39
CA VAL B 324 -7.20 23.47 22.48
C VAL B 324 -6.09 24.38 23.05
N LEU B 325 -5.29 25.01 22.18
CA LEU B 325 -4.20 25.89 22.67
C LEU B 325 -4.79 27.10 23.41
N GLU B 326 -5.86 27.70 22.89
CA GLU B 326 -6.56 28.86 23.52
C GLU B 326 -7.01 28.44 24.93
N ILE B 327 -7.64 27.28 25.07
CA ILE B 327 -8.13 26.74 26.37
C ILE B 327 -6.94 26.56 27.31
N LEU B 328 -5.89 25.85 26.87
CA LEU B 328 -4.74 25.50 27.74
C LEU B 328 -4.01 26.79 28.13
N GLY B 329 -3.96 27.76 27.23
CA GLY B 329 -3.33 29.08 27.45
C GLY B 329 -4.00 29.85 28.57
N LYS B 330 -5.28 29.58 28.84
CA LYS B 330 -6.05 30.28 29.90
C LYS B 330 -5.97 29.51 31.23
N LYS B 331 -5.66 28.21 31.22
CA LYS B 331 -5.63 27.39 32.47
C LYS B 331 -4.21 27.19 32.99
N PHE B 332 -3.18 27.44 32.17
CA PHE B 332 -1.76 27.16 32.47
C PHE B 332 -0.91 28.40 32.19
N PRO B 333 0.23 28.56 32.88
CA PRO B 333 1.09 29.75 32.70
C PRO B 333 1.87 29.76 31.37
N VAL B 334 1.42 30.57 30.43
CA VAL B 334 2.08 30.71 29.10
C VAL B 334 3.18 31.77 29.21
N THR B 335 4.29 31.51 28.55
CA THR B 335 5.43 32.46 28.41
C THR B 335 5.47 32.94 26.96
N GLU B 336 6.25 33.98 26.72
CA GLU B 336 6.54 34.49 25.37
C GLU B 336 8.02 34.23 25.12
N ASN B 337 8.34 33.46 24.08
CA ASN B 337 9.75 33.08 23.79
C ASN B 337 10.45 34.28 23.13
N SER B 338 11.72 34.12 22.78
CA SER B 338 12.62 35.21 22.32
C SER B 338 12.15 35.75 20.96
N LYS B 339 11.26 35.03 20.27
CA LYS B 339 10.75 35.42 18.94
C LYS B 339 9.39 36.09 19.06
N GLY B 340 8.83 36.18 20.28
CA GLY B 340 7.51 36.80 20.51
C GLY B 340 6.37 35.81 20.42
N TYR B 341 6.63 34.50 20.39
CA TYR B 341 5.58 33.47 20.22
C TYR B 341 5.25 32.86 21.57
N LYS B 342 3.99 32.47 21.70
CA LYS B 342 3.49 31.89 22.96
C LYS B 342 3.97 30.46 23.14
N LEU B 343 4.30 30.10 24.39
CA LEU B 343 4.85 28.77 24.74
C LEU B 343 4.16 28.25 26.00
N LEU B 344 3.55 27.07 25.90
CA LEU B 344 3.00 26.35 27.08
C LEU B 344 4.15 26.05 28.03
N PRO B 345 3.88 25.81 29.33
CA PRO B 345 4.92 25.37 30.23
C PRO B 345 5.49 24.02 29.79
N PRO B 346 6.73 23.70 30.19
CA PRO B 346 7.45 22.55 29.65
C PRO B 346 6.86 21.18 30.00
N TYR B 347 5.98 21.09 31.01
CA TYR B 347 5.28 19.84 31.40
C TYR B 347 4.03 19.59 30.53
N LEU B 348 3.74 20.46 29.55
CA LEU B 348 2.46 20.41 28.79
C LEU B 348 2.69 20.64 27.29
N ARG B 349 2.31 19.66 26.48
CA ARG B 349 2.41 19.74 25.00
C ARG B 349 1.13 19.18 24.36
N VAL B 350 1.04 19.33 23.03
CA VAL B 350 -0.11 18.87 22.21
C VAL B 350 0.43 18.01 21.07
N ILE B 351 -0.26 16.92 20.75
CA ILE B 351 -0.02 16.18 19.49
C ILE B 351 -1.35 16.07 18.73
N GLN B 352 -1.34 16.53 17.48
CA GLN B 352 -2.50 16.42 16.56
C GLN B 352 -2.23 15.19 15.67
N GLY B 353 -3.01 14.13 15.87
CA GLY B 353 -2.79 12.82 15.23
C GLY B 353 -3.91 12.43 14.28
N ASP B 354 -4.79 13.36 13.91
CA ASP B 354 -5.97 13.06 13.05
C ASP B 354 -5.94 14.00 11.84
N GLY B 355 -6.20 13.46 10.65
CA GLY B 355 -6.35 14.23 9.40
C GLY B 355 -5.07 14.92 8.98
N VAL B 356 -3.89 14.41 9.40
CA VAL B 356 -2.58 15.01 9.05
C VAL B 356 -2.05 14.36 7.76
N ASP B 357 -1.87 15.22 6.76
CA ASP B 357 -1.08 14.91 5.55
C ASP B 357 -0.27 16.16 5.21
N ILE B 358 0.50 16.15 4.12
CA ILE B 358 1.46 17.25 3.89
C ILE B 358 0.67 18.57 3.72
N ASN B 359 -0.57 18.51 3.23
CA ASN B 359 -1.40 19.72 2.98
C ASN B 359 -1.92 20.29 4.31
N THR B 360 -2.54 19.49 5.16
CA THR B 360 -3.14 19.96 6.43
C THR B 360 -2.00 20.35 7.41
N LEU B 361 -0.84 19.69 7.33
CA LEU B 361 0.32 20.03 8.19
C LEU B 361 0.71 21.49 7.96
N GLN B 362 0.83 21.87 6.69
CA GLN B 362 1.11 23.26 6.24
C GLN B 362 0.06 24.21 6.82
N GLU B 363 -1.23 23.87 6.67
CA GLU B 363 -2.36 24.72 7.11
C GLU B 363 -2.27 24.95 8.63
N ILE B 364 -1.92 23.91 9.39
CA ILE B 364 -1.94 23.98 10.87
C ILE B 364 -0.79 24.85 11.35
N VAL B 365 0.44 24.62 10.88
CA VAL B 365 1.61 25.40 11.38
C VAL B 365 1.43 26.87 10.95
N GLU B 366 0.87 27.13 9.77
CA GLU B 366 0.63 28.52 9.30
C GLU B 366 -0.41 29.19 10.21
N GLY B 367 -1.47 28.44 10.56
CA GLY B 367 -2.57 28.94 11.41
C GLY B 367 -2.09 29.19 12.82
N MET B 368 -1.27 28.30 13.37
CA MET B 368 -0.61 28.52 14.69
C MET B 368 0.22 29.81 14.65
N LYS B 369 1.07 29.97 13.63
CA LYS B 369 1.97 31.16 13.49
C LYS B 369 1.13 32.44 13.47
N GLN B 370 0.00 32.43 12.75
CA GLN B 370 -0.86 33.63 12.62
C GLN B 370 -1.51 33.96 13.97
N LYS B 371 -1.70 32.96 14.84
CA LYS B 371 -2.25 33.15 16.22
C LYS B 371 -1.11 33.25 17.26
N MET B 372 0.14 33.44 16.82
CA MET B 372 1.32 33.70 17.70
C MET B 372 1.59 32.52 18.63
N TRP B 373 1.31 31.28 18.20
CA TRP B 373 1.66 30.04 18.95
C TRP B 373 2.93 29.45 18.35
N SER B 374 3.94 29.20 19.19
CA SER B 374 5.19 28.55 18.75
C SER B 374 4.92 27.14 18.23
N ILE B 375 5.65 26.70 17.21
CA ILE B 375 5.62 25.27 16.77
C ILE B 375 6.29 24.40 17.83
N GLU B 376 7.04 24.97 18.78
CA GLU B 376 7.55 24.21 19.96
C GLU B 376 6.40 23.46 20.68
N ASN B 377 5.18 24.00 20.66
CA ASN B 377 4.03 23.51 21.46
C ASN B 377 3.47 22.19 20.91
N ILE B 378 3.74 21.87 19.65
CA ILE B 378 2.95 20.83 18.91
C ILE B 378 3.89 19.81 18.27
N ALA B 379 3.38 18.60 18.17
CA ALA B 379 3.90 17.53 17.30
C ALA B 379 2.70 16.98 16.51
N PHE B 380 2.99 16.32 15.41
CA PHE B 380 1.97 15.68 14.56
C PHE B 380 2.17 14.17 14.55
N GLY B 381 1.05 13.47 14.54
CA GLY B 381 0.97 12.04 14.16
C GLY B 381 0.31 11.91 12.81
N SER B 382 0.84 11.06 11.93
CA SER B 382 0.24 10.86 10.60
C SER B 382 0.26 9.36 10.30
N GLY B 383 -0.85 8.80 9.85
CA GLY B 383 -0.93 7.36 9.56
C GLY B 383 -1.09 7.09 8.08
N GLY B 384 -2.33 7.03 7.62
CA GLY B 384 -2.66 6.87 6.18
C GLY B 384 -1.96 7.90 5.33
N GLY B 385 -1.96 9.17 5.78
CA GLY B 385 -1.35 10.30 5.05
C GLY B 385 0.14 10.09 4.83
N LEU B 386 0.81 9.48 5.80
CA LEU B 386 2.28 9.28 5.77
C LEU B 386 2.64 8.03 4.96
N LEU B 387 1.93 6.92 5.12
CA LEU B 387 2.40 5.59 4.62
C LEU B 387 1.49 4.99 3.54
N GLN B 388 0.23 5.42 3.39
CA GLN B 388 -0.71 4.72 2.47
C GLN B 388 -1.17 5.62 1.33
N LYS B 389 -1.41 6.90 1.58
CA LYS B 389 -2.06 7.80 0.59
C LYS B 389 -1.00 8.32 -0.40
N LEU B 390 -0.36 7.40 -1.10
CA LEU B 390 0.77 7.66 -2.01
C LEU B 390 0.68 6.65 -3.15
N THR B 391 0.99 7.07 -4.36
CA THR B 391 1.00 6.19 -5.55
C THR B 391 2.30 6.42 -6.33
N ARG B 392 2.56 5.50 -7.24
CA ARG B 392 3.74 5.52 -8.13
C ARG B 392 3.66 6.75 -9.05
N ASP B 393 2.45 7.30 -9.21
CA ASP B 393 2.16 8.47 -10.08
C ASP B 393 2.64 9.78 -9.43
N LEU B 394 2.85 9.83 -8.12
CA LEU B 394 3.19 11.09 -7.41
C LEU B 394 4.55 11.60 -7.90
N LEU B 395 5.58 10.76 -7.97
CA LEU B 395 6.91 11.17 -8.50
C LEU B 395 7.16 10.60 -9.91
N ASN B 396 6.15 9.96 -10.51
CA ASN B 396 6.23 9.37 -11.88
C ASN B 396 7.43 8.42 -11.94
N CYS B 397 7.50 7.50 -11.00
CA CYS B 397 8.57 6.48 -10.93
C CYS B 397 8.38 5.50 -12.09
N SER B 398 9.41 5.31 -12.90
CA SER B 398 9.28 4.66 -14.22
C SER B 398 10.58 3.92 -14.59
N PHE B 399 10.43 2.72 -15.15
CA PHE B 399 11.52 1.83 -15.58
C PHE B 399 11.36 1.58 -17.07
N LYS B 400 12.39 1.90 -17.85
CA LYS B 400 12.33 1.84 -19.34
C LYS B 400 13.65 1.32 -19.89
N CYS B 401 13.54 0.60 -21.00
CA CYS B 401 14.68 0.18 -21.82
C CYS B 401 15.16 1.39 -22.63
N SER B 402 16.45 1.70 -22.54
CA SER B 402 17.11 2.82 -23.28
C SER B 402 18.20 2.33 -24.24
N TYR B 403 18.64 1.07 -24.16
CA TYR B 403 19.76 0.56 -25.00
C TYR B 403 19.65 -0.95 -25.18
N VAL B 404 19.81 -1.42 -26.43
CA VAL B 404 19.89 -2.87 -26.73
C VAL B 404 21.08 -3.10 -27.66
N VAL B 405 21.63 -4.30 -27.63
CA VAL B 405 22.59 -4.76 -28.66
C VAL B 405 21.91 -5.90 -29.41
N THR B 406 21.79 -5.78 -30.72
CA THR B 406 21.22 -6.80 -31.63
C THR B 406 22.18 -6.95 -32.82
N ASN B 407 22.56 -8.18 -33.15
CA ASN B 407 23.54 -8.53 -34.21
C ASN B 407 24.84 -7.76 -33.97
N GLY B 408 25.24 -7.63 -32.71
CA GLY B 408 26.51 -7.01 -32.28
C GLY B 408 26.51 -5.50 -32.37
N LEU B 409 25.36 -4.87 -32.69
CA LEU B 409 25.27 -3.40 -32.89
C LEU B 409 24.36 -2.79 -31.81
N GLY B 410 24.91 -1.86 -31.03
CA GLY B 410 24.20 -1.06 -30.02
C GLY B 410 23.23 -0.11 -30.68
N ILE B 411 22.00 -0.02 -30.13
CA ILE B 411 20.89 0.83 -30.62
C ILE B 411 20.38 1.64 -29.42
N ASN B 412 20.26 2.96 -29.55
CA ASN B 412 19.63 3.85 -28.53
C ASN B 412 18.12 3.76 -28.73
N VAL B 413 17.39 3.27 -27.72
CA VAL B 413 15.92 3.01 -27.83
C VAL B 413 15.16 3.83 -26.76
N PHE B 414 13.90 4.10 -27.03
CA PHE B 414 13.10 5.07 -26.25
C PHE B 414 11.65 4.98 -26.72
N LYS B 415 10.74 5.48 -25.90
CA LYS B 415 9.34 5.71 -26.30
C LYS B 415 9.13 7.22 -26.36
N ASP B 416 8.19 7.67 -27.19
CA ASP B 416 7.90 9.11 -27.37
C ASP B 416 6.46 9.21 -27.84
N PRO B 417 5.48 8.90 -26.96
CA PRO B 417 4.07 8.88 -27.35
C PRO B 417 3.60 10.28 -27.78
N VAL B 418 2.90 10.35 -28.92
CA VAL B 418 2.51 11.62 -29.59
C VAL B 418 1.69 12.46 -28.61
N ALA B 419 0.80 11.83 -27.84
CA ALA B 419 -0.22 12.53 -27.02
C ALA B 419 0.34 12.87 -25.65
N ASP B 420 1.56 12.45 -25.30
CA ASP B 420 2.12 12.77 -23.96
C ASP B 420 3.64 12.88 -24.02
N PRO B 421 4.17 14.08 -24.32
CA PRO B 421 5.62 14.33 -24.24
C PRO B 421 6.25 14.04 -22.87
N ASN B 422 5.46 14.12 -21.77
CA ASN B 422 5.91 13.81 -20.39
C ASN B 422 6.35 12.33 -20.28
N LYS B 423 5.88 11.46 -21.19
CA LYS B 423 6.19 9.99 -21.15
C LYS B 423 7.37 9.64 -22.06
N ARG B 424 7.98 10.62 -22.71
CA ARG B 424 9.22 10.42 -23.50
C ARG B 424 10.31 9.89 -22.55
N SER B 425 11.00 8.81 -22.94
CA SER B 425 12.04 8.15 -22.13
C SER B 425 13.42 8.51 -22.70
N LYS B 426 14.47 8.30 -21.91
CA LYS B 426 15.88 8.68 -22.24
C LYS B 426 16.47 7.67 -23.22
N LYS B 427 17.47 8.08 -23.99
CA LYS B 427 18.06 7.25 -25.08
C LYS B 427 19.48 6.81 -24.71
N GLY B 428 19.75 5.52 -24.87
CA GLY B 428 21.09 4.92 -24.87
C GLY B 428 21.64 4.75 -23.47
N ARG B 429 22.94 4.58 -23.38
CA ARG B 429 23.66 4.33 -22.11
C ARG B 429 23.73 5.63 -21.31
N LEU B 430 23.31 5.57 -20.04
CA LEU B 430 23.13 6.77 -19.18
C LEU B 430 24.21 6.80 -18.10
N SER B 431 24.51 8.00 -17.64
CA SER B 431 25.42 8.26 -16.50
C SER B 431 24.96 9.53 -15.79
N LEU B 432 25.20 9.58 -14.48
CA LEU B 432 24.82 10.72 -13.62
C LEU B 432 26.10 11.51 -13.26
N HIS B 433 26.04 12.83 -13.43
CA HIS B 433 27.23 13.72 -13.28
C HIS B 433 26.88 14.94 -12.46
N ARG B 434 27.90 15.57 -11.87
CA ARG B 434 27.84 16.95 -11.33
C ARG B 434 28.10 17.93 -12.47
N THR B 435 27.30 18.99 -12.57
CA THR B 435 27.54 20.11 -13.51
C THR B 435 28.64 20.98 -12.89
N PRO B 436 29.25 21.89 -13.68
CA PRO B 436 30.22 22.85 -13.15
C PRO B 436 29.71 23.66 -11.94
N ALA B 437 28.40 23.90 -11.83
CA ALA B 437 27.73 24.66 -10.75
C ALA B 437 27.35 23.75 -9.58
N GLY B 438 27.64 22.45 -9.66
CA GLY B 438 27.44 21.49 -8.55
C GLY B 438 26.05 20.86 -8.53
N ASN B 439 25.29 20.98 -9.62
CA ASN B 439 23.94 20.37 -9.77
C ASN B 439 24.10 19.00 -10.44
N PHE B 440 23.02 18.28 -10.65
CA PHE B 440 23.04 16.94 -11.30
C PHE B 440 22.64 17.08 -12.76
N VAL B 441 23.21 16.23 -13.60
CA VAL B 441 22.81 16.06 -15.03
C VAL B 441 22.91 14.58 -15.36
N THR B 442 21.93 14.07 -16.09
CA THR B 442 21.97 12.71 -16.68
C THR B 442 22.41 12.84 -18.14
N LEU B 443 23.55 12.24 -18.48
CA LEU B 443 24.06 12.21 -19.87
C LEU B 443 23.51 10.96 -20.56
N GLU B 444 23.03 11.13 -21.80
CA GLU B 444 22.39 10.06 -22.61
C GLU B 444 23.37 9.66 -23.72
N GLU B 445 23.03 8.58 -24.44
CA GLU B 445 23.70 8.13 -25.68
C GLU B 445 25.19 7.86 -25.41
N GLY B 446 25.55 7.47 -24.19
CA GLY B 446 26.92 7.09 -23.82
C GLY B 446 27.84 8.30 -23.73
N LYS B 447 27.31 9.52 -23.75
CA LYS B 447 28.12 10.78 -23.80
C LYS B 447 28.97 10.93 -22.54
N GLY B 448 28.61 10.27 -21.42
CA GLY B 448 29.46 10.17 -20.21
C GLY B 448 30.86 9.70 -20.53
N ASP B 449 31.02 8.88 -21.57
CA ASP B 449 32.32 8.31 -22.01
C ASP B 449 33.27 9.44 -22.43
N LEU B 450 32.74 10.59 -22.87
CA LEU B 450 33.53 11.73 -23.39
C LEU B 450 34.29 12.46 -22.26
N GLU B 451 33.93 12.22 -21.00
CA GLU B 451 34.63 12.71 -19.78
C GLU B 451 34.65 14.25 -19.73
N GLU B 452 33.64 14.91 -20.27
CA GLU B 452 33.48 16.39 -20.21
C GLU B 452 32.89 16.79 -18.86
N TYR B 453 32.35 15.82 -18.12
CA TYR B 453 31.57 16.04 -16.88
C TYR B 453 32.12 15.17 -15.74
N GLY B 454 33.39 14.77 -15.83
CA GLY B 454 34.04 13.91 -14.83
C GLY B 454 33.33 12.57 -14.68
N GLN B 455 33.47 11.93 -13.50
CA GLN B 455 33.16 10.49 -13.33
C GLN B 455 31.66 10.31 -13.07
N ASP B 456 31.14 9.16 -13.47
CA ASP B 456 29.74 8.72 -13.25
C ASP B 456 29.52 8.60 -11.74
N LEU B 457 28.45 9.18 -11.21
CA LEU B 457 28.07 9.11 -9.77
C LEU B 457 27.36 7.79 -9.43
N LEU B 458 26.88 7.01 -10.42
CA LEU B 458 26.30 5.67 -10.13
C LEU B 458 27.42 4.72 -9.72
N HIS B 459 27.14 3.83 -8.78
CA HIS B 459 28.06 2.75 -8.33
C HIS B 459 27.40 1.41 -8.63
N THR B 460 28.20 0.41 -9.01
CA THR B 460 27.70 -0.99 -9.08
C THR B 460 27.31 -1.43 -7.68
N VAL B 461 26.04 -1.76 -7.48
CA VAL B 461 25.51 -2.21 -6.17
C VAL B 461 25.15 -3.70 -6.24
N PHE B 462 25.03 -4.28 -7.43
CA PHE B 462 24.64 -5.68 -7.60
C PHE B 462 25.31 -6.20 -8.86
N LYS B 463 25.91 -7.39 -8.79
CA LYS B 463 26.51 -7.99 -10.00
C LYS B 463 26.57 -9.49 -9.79
N ASN B 464 25.93 -10.26 -10.66
CA ASN B 464 26.05 -11.73 -10.76
C ASN B 464 25.71 -12.35 -9.40
N GLY B 465 24.59 -11.93 -8.82
CA GLY B 465 24.00 -12.52 -7.60
C GLY B 465 24.58 -11.95 -6.31
N LYS B 466 25.54 -11.03 -6.37
CA LYS B 466 26.17 -10.48 -5.15
C LYS B 466 25.82 -9.00 -5.00
N VAL B 467 25.55 -8.56 -3.77
CA VAL B 467 25.49 -7.11 -3.44
C VAL B 467 26.94 -6.64 -3.31
N THR B 468 27.33 -5.63 -4.08
CA THR B 468 28.75 -5.19 -4.23
C THR B 468 29.01 -3.84 -3.55
N LYS B 469 27.97 -3.14 -3.12
CA LYS B 469 28.13 -1.85 -2.40
C LYS B 469 26.87 -1.62 -1.58
N SER B 470 27.02 -1.09 -0.37
CA SER B 470 25.90 -0.97 0.59
C SER B 470 26.12 0.21 1.55
N TYR B 471 25.04 0.65 2.17
CA TYR B 471 24.97 1.90 2.96
C TYR B 471 24.38 1.57 4.31
N SER B 472 24.96 2.11 5.38
CA SER B 472 24.34 2.00 6.71
C SER B 472 23.15 2.96 6.74
N PHE B 473 22.24 2.74 7.66
CA PHE B 473 21.10 3.68 7.84
C PHE B 473 21.64 5.03 8.29
N ASP B 474 22.75 5.04 9.04
CA ASP B 474 23.37 6.30 9.54
C ASP B 474 23.85 7.11 8.33
N GLU B 475 24.46 6.48 7.33
CA GLU B 475 24.96 7.19 6.12
C GLU B 475 23.77 7.70 5.31
N ILE B 476 22.71 6.91 5.23
CA ILE B 476 21.49 7.30 4.46
C ILE B 476 20.89 8.57 5.10
N ARG B 477 20.78 8.60 6.43
CA ARG B 477 20.26 9.77 7.19
C ARG B 477 21.11 11.02 6.91
N LYS B 478 22.44 10.91 6.97
CA LYS B 478 23.35 12.06 6.65
C LYS B 478 23.09 12.56 5.22
N ASN B 479 22.97 11.65 4.25
CA ASN B 479 22.76 11.99 2.83
C ASN B 479 21.44 12.78 2.67
N ALA B 480 20.42 12.43 3.46
CA ALA B 480 19.03 12.94 3.30
C ALA B 480 18.79 14.22 4.14
N GLN B 481 19.81 14.77 4.81
CA GLN B 481 19.66 15.98 5.67
C GLN B 481 19.11 17.17 4.87
N LEU B 482 18.39 18.07 5.52
CA LEU B 482 17.88 19.32 4.89
C LEU B 482 19.06 20.30 4.78
N ASN B 483 19.01 21.23 3.83
CA ASN B 483 20.03 22.32 3.71
C ASN B 483 20.01 23.13 5.02
N ILE B 484 18.84 23.47 5.55
CA ILE B 484 18.68 24.27 6.81
C ILE B 484 19.39 23.55 7.98
N GLU B 485 19.34 22.21 8.04
CA GLU B 485 20.10 21.38 9.03
C GLU B 485 21.61 21.51 8.78
N LEU B 486 22.05 21.51 7.53
CA LEU B 486 23.47 21.71 7.14
C LEU B 486 23.78 23.22 7.19
#